data_1N6Z
#
_entry.id   1N6Z
#
_entity_poly.entity_id   1
_entity_poly.type   'polypeptide(L)'
_entity_poly.pdbx_seq_one_letter_code
;MSKSNTYRMLVLLEDDTKINKEDEKFLKGKPGKMHEFVDELILPFNVDELDELNTWFDKFDAEICIPNEGHIKYEISSDG
LIVLMLDKEIEEVVEKVKKFVEENN
;
_entity_poly.pdbx_strand_id   A
#
# COMPACT_ATOMS: atom_id res chain seq x y z
N MET A 1 -17.76 1.33 -3.61
CA MET A 1 -17.98 0.80 -4.94
C MET A 1 -19.31 1.28 -5.51
N SER A 2 -20.37 1.03 -4.75
CA SER A 2 -21.71 1.45 -5.17
C SER A 2 -22.28 2.47 -4.18
N LYS A 3 -22.42 2.03 -2.94
CA LYS A 3 -22.95 2.88 -1.89
C LYS A 3 -22.21 4.22 -1.92
N SER A 4 -22.90 5.25 -1.44
CA SER A 4 -22.31 6.58 -1.39
C SER A 4 -21.41 6.72 -0.17
N ASN A 5 -20.33 5.93 -0.18
CA ASN A 5 -19.39 5.96 0.91
C ASN A 5 -18.09 5.28 0.48
N THR A 6 -17.09 6.10 0.19
CA THR A 6 -15.80 5.59 -0.24
C THR A 6 -14.70 6.02 0.74
N TYR A 7 -13.61 5.27 0.71
CA TYR A 7 -12.48 5.56 1.58
C TYR A 7 -11.20 5.74 0.77
N ARG A 8 -10.09 5.84 1.50
CA ARG A 8 -8.79 6.00 0.88
C ARG A 8 -7.75 5.13 1.58
N MET A 9 -6.74 4.75 0.80
CA MET A 9 -5.67 3.92 1.34
C MET A 9 -4.30 4.58 1.13
N LEU A 10 -3.51 4.55 2.20
CA LEU A 10 -2.18 5.15 2.15
C LEU A 10 -1.13 4.04 2.13
N VAL A 11 -0.20 4.16 1.20
CA VAL A 11 0.87 3.18 1.07
C VAL A 11 2.17 3.78 1.61
N LEU A 12 2.78 3.04 2.53
CA LEU A 12 4.03 3.48 3.13
C LEU A 12 5.15 2.51 2.74
N LEU A 13 6.26 3.08 2.29
CA LEU A 13 7.40 2.28 1.89
C LEU A 13 8.67 2.89 2.47
N GLU A 14 9.54 2.01 2.94
CA GLU A 14 10.81 2.45 3.53
C GLU A 14 11.87 2.57 2.45
N ASP A 15 12.46 3.76 2.38
CA ASP A 15 13.50 4.02 1.40
C ASP A 15 14.83 4.28 2.12
N ASP A 16 15.84 3.51 1.74
CA ASP A 16 17.16 3.64 2.34
C ASP A 16 17.96 4.68 1.56
N THR A 17 18.70 5.49 2.30
CA THR A 17 19.53 6.52 1.70
C THR A 17 21.01 6.16 1.80
N LYS A 18 21.47 5.38 0.85
CA LYS A 18 22.86 4.96 0.82
C LYS A 18 23.74 6.15 0.44
N ILE A 19 24.21 6.85 1.46
CA ILE A 19 25.07 8.00 1.25
C ILE A 19 26.53 7.58 1.40
N ASN A 20 27.37 8.14 0.53
CA ASN A 20 28.78 7.83 0.56
C ASN A 20 29.38 8.32 1.89
N LYS A 21 30.69 8.51 1.87
CA LYS A 21 31.39 8.96 3.07
C LYS A 21 30.97 10.41 3.37
N GLU A 22 30.25 10.99 2.44
CA GLU A 22 29.78 12.36 2.61
C GLU A 22 28.91 12.48 3.86
N ASP A 23 28.48 11.32 4.35
CA ASP A 23 27.64 11.28 5.53
C ASP A 23 28.00 10.04 6.35
N GLU A 24 27.62 8.89 5.83
CA GLU A 24 27.88 7.63 6.49
C GLU A 24 27.77 6.47 5.51
N LYS A 25 28.93 6.01 5.06
CA LYS A 25 28.98 4.91 4.10
C LYS A 25 29.30 3.61 4.85
N PHE A 26 29.55 3.76 6.15
CA PHE A 26 29.87 2.62 6.99
C PHE A 26 28.60 2.03 7.62
N LEU A 27 27.64 2.91 7.88
CA LEU A 27 26.39 2.49 8.48
C LEU A 27 25.44 2.02 7.38
N LYS A 28 24.59 1.06 7.74
CA LYS A 28 23.62 0.51 6.79
C LYS A 28 22.62 1.60 6.41
N GLY A 29 23.09 2.53 5.58
CA GLY A 29 22.26 3.63 5.14
C GLY A 29 20.90 3.60 5.83
N LYS A 30 20.79 4.41 6.88
CA LYS A 30 19.55 4.49 7.64
C LYS A 30 18.83 5.79 7.30
N PRO A 31 17.58 5.63 6.79
CA PRO A 31 16.78 6.79 6.41
C PRO A 31 16.22 7.49 7.66
N GLY A 32 16.16 8.81 7.58
CA GLY A 32 15.65 9.60 8.68
C GLY A 32 14.37 9.01 9.24
N LYS A 33 13.32 9.06 8.42
CA LYS A 33 12.03 8.53 8.82
C LYS A 33 11.64 7.38 7.88
N MET A 34 11.11 6.33 8.48
CA MET A 34 10.69 5.16 7.71
C MET A 34 9.21 4.87 7.92
N HIS A 35 8.65 4.08 7.01
CA HIS A 35 7.25 3.72 7.08
C HIS A 35 6.40 4.99 7.06
N GLU A 36 6.48 5.70 5.96
CA GLU A 36 5.72 6.93 5.80
C GLU A 36 4.83 6.85 4.56
N PHE A 37 3.68 7.50 4.65
CA PHE A 37 2.74 7.51 3.55
C PHE A 37 3.34 8.18 2.31
N VAL A 38 3.19 7.51 1.18
CA VAL A 38 3.71 8.03 -0.07
C VAL A 38 2.59 8.73 -0.84
N ASP A 39 1.41 8.14 -0.78
CA ASP A 39 0.25 8.70 -1.47
C ASP A 39 -1.01 7.97 -1.01
N GLU A 40 -2.14 8.61 -1.26
CA GLU A 40 -3.42 8.03 -0.87
C GLU A 40 -4.30 7.83 -2.10
N LEU A 41 -4.97 6.69 -2.14
CA LEU A 41 -5.85 6.36 -3.24
C LEU A 41 -7.22 5.94 -2.70
N ILE A 42 -8.25 6.28 -3.46
CA ILE A 42 -9.61 5.95 -3.07
C ILE A 42 -9.96 4.56 -3.61
N LEU A 43 -10.27 3.66 -2.69
CA LEU A 43 -10.62 2.29 -3.06
C LEU A 43 -12.15 2.15 -2.99
N PRO A 44 -12.67 1.23 -3.86
CA PRO A 44 -14.10 0.97 -3.90
C PRO A 44 -14.55 0.14 -2.69
N PHE A 45 -14.02 0.52 -1.53
CA PHE A 45 -14.36 -0.18 -0.30
C PHE A 45 -15.54 0.50 0.41
N ASN A 46 -16.53 -0.30 0.75
CA ASN A 46 -17.71 0.21 1.43
C ASN A 46 -17.80 -0.43 2.81
N VAL A 47 -18.60 0.21 3.67
CA VAL A 47 -18.78 -0.29 5.02
C VAL A 47 -19.71 -1.50 4.99
N ASP A 48 -20.50 -1.58 3.94
CA ASP A 48 -21.44 -2.68 3.78
C ASP A 48 -20.94 -3.60 2.66
N GLU A 49 -19.63 -3.82 2.65
CA GLU A 49 -19.03 -4.68 1.65
C GLU A 49 -17.76 -5.33 2.20
N LEU A 50 -17.80 -5.64 3.48
CA LEU A 50 -16.67 -6.27 4.14
C LEU A 50 -16.49 -7.69 3.60
N ASP A 51 -17.61 -8.38 3.46
CA ASP A 51 -17.58 -9.74 2.95
C ASP A 51 -17.06 -9.74 1.52
N GLU A 52 -17.62 -8.85 0.71
CA GLU A 52 -17.22 -8.75 -0.68
C GLU A 52 -15.80 -8.17 -0.78
N LEU A 53 -15.50 -7.27 0.15
CA LEU A 53 -14.20 -6.64 0.18
C LEU A 53 -13.14 -7.66 0.63
N ASN A 54 -13.54 -8.49 1.57
CA ASN A 54 -12.65 -9.51 2.09
C ASN A 54 -12.43 -10.58 1.02
N THR A 55 -13.50 -10.88 0.30
CA THR A 55 -13.44 -11.89 -0.76
C THR A 55 -12.56 -11.39 -1.90
N TRP A 56 -12.79 -10.15 -2.29
CA TRP A 56 -12.02 -9.55 -3.37
C TRP A 56 -10.59 -9.33 -2.87
N PHE A 57 -10.50 -8.73 -1.70
CA PHE A 57 -9.20 -8.46 -1.11
C PHE A 57 -8.40 -9.75 -0.91
N ASP A 58 -9.13 -10.81 -0.56
CA ASP A 58 -8.50 -12.10 -0.34
C ASP A 58 -7.91 -12.61 -1.66
N LYS A 59 -8.69 -12.44 -2.71
CA LYS A 59 -8.25 -12.88 -4.04
C LYS A 59 -7.12 -11.97 -4.52
N PHE A 60 -7.35 -10.67 -4.40
CA PHE A 60 -6.35 -9.69 -4.82
C PHE A 60 -5.08 -9.80 -3.98
N ASP A 61 -5.27 -10.19 -2.73
CA ASP A 61 -4.14 -10.35 -1.82
C ASP A 61 -3.16 -11.36 -2.40
N ALA A 62 -3.72 -12.41 -2.98
CA ALA A 62 -2.90 -13.45 -3.58
C ALA A 62 -2.37 -12.97 -4.93
N GLU A 63 -3.25 -12.34 -5.69
CA GLU A 63 -2.89 -11.83 -7.00
C GLU A 63 -1.78 -10.78 -6.87
N ILE A 64 -1.83 -10.06 -5.77
CA ILE A 64 -0.84 -9.03 -5.50
C ILE A 64 0.35 -9.64 -4.77
N CYS A 65 0.06 -10.69 -4.03
CA CYS A 65 1.10 -11.38 -3.27
C CYS A 65 1.91 -12.25 -4.23
N ILE A 66 1.22 -12.71 -5.27
CA ILE A 66 1.87 -13.55 -6.27
C ILE A 66 3.09 -12.83 -6.84
N PRO A 67 2.85 -11.57 -7.30
CA PRO A 67 3.92 -10.76 -7.86
C PRO A 67 4.83 -10.22 -6.76
N ASN A 68 4.51 -10.59 -5.53
CA ASN A 68 5.29 -10.15 -4.39
C ASN A 68 6.26 -11.26 -3.98
N GLU A 69 7.44 -10.84 -3.54
CA GLU A 69 8.45 -11.78 -3.12
C GLU A 69 8.98 -11.41 -1.73
N GLY A 70 8.08 -11.46 -0.75
CA GLY A 70 8.44 -11.13 0.61
C GLY A 70 7.18 -11.07 1.50
N HIS A 71 7.34 -10.38 2.63
CA HIS A 71 6.24 -10.23 3.56
C HIS A 71 5.55 -8.88 3.33
N ILE A 72 4.26 -8.85 3.62
CA ILE A 72 3.48 -7.64 3.46
C ILE A 72 2.53 -7.49 4.64
N LYS A 73 2.39 -6.25 5.10
CA LYS A 73 1.52 -5.95 6.22
C LYS A 73 0.48 -4.92 5.80
N TYR A 74 -0.74 -5.14 6.24
CA TYR A 74 -1.83 -4.23 5.91
C TYR A 74 -2.74 -4.01 7.12
N GLU A 75 -3.44 -2.88 7.09
CA GLU A 75 -4.33 -2.52 8.18
C GLU A 75 -5.64 -1.95 7.63
N ILE A 76 -6.72 -2.64 7.91
CA ILE A 76 -8.03 -2.22 7.45
C ILE A 76 -8.95 -1.98 8.66
N SER A 77 -9.28 -0.72 8.87
CA SER A 77 -10.14 -0.33 9.98
C SER A 77 -11.57 -0.15 9.49
N SER A 78 -12.47 -0.94 10.06
CA SER A 78 -13.87 -0.87 9.70
C SER A 78 -14.36 0.58 9.74
N ASP A 79 -13.71 1.36 10.60
CA ASP A 79 -14.06 2.76 10.75
C ASP A 79 -13.98 3.45 9.40
N GLY A 80 -13.23 2.83 8.49
CA GLY A 80 -13.06 3.38 7.16
C GLY A 80 -11.63 3.89 6.96
N LEU A 81 -10.67 3.12 7.45
CA LEU A 81 -9.27 3.49 7.32
C LEU A 81 -8.48 2.27 6.84
N ILE A 82 -7.88 2.43 5.67
CA ILE A 82 -7.09 1.36 5.08
C ILE A 82 -5.65 1.87 4.85
N VAL A 83 -4.70 1.07 5.33
CA VAL A 83 -3.30 1.42 5.19
C VAL A 83 -2.54 0.22 4.64
N LEU A 84 -1.59 0.50 3.76
CA LEU A 84 -0.79 -0.54 3.15
C LEU A 84 0.68 -0.33 3.53
N MET A 85 1.27 -1.38 4.10
CA MET A 85 2.66 -1.31 4.52
C MET A 85 3.51 -2.33 3.74
N LEU A 86 4.46 -1.80 2.98
CA LEU A 86 5.34 -2.65 2.19
C LEU A 86 6.80 -2.27 2.48
N ASP A 87 7.62 -3.29 2.65
CA ASP A 87 9.04 -3.08 2.92
C ASP A 87 9.74 -2.64 1.64
N LYS A 88 10.98 -2.22 1.79
CA LYS A 88 11.77 -1.77 0.67
C LYS A 88 12.14 -2.98 -0.21
N GLU A 89 12.44 -4.09 0.47
CA GLU A 89 12.81 -5.30 -0.23
C GLU A 89 11.64 -5.79 -1.10
N ILE A 90 10.48 -5.20 -0.86
CA ILE A 90 9.28 -5.56 -1.61
C ILE A 90 8.67 -4.30 -2.22
N GLU A 91 9.54 -3.34 -2.53
CA GLU A 91 9.09 -2.10 -3.11
C GLU A 91 8.27 -2.36 -4.38
N GLU A 92 8.53 -3.51 -4.99
CA GLU A 92 7.82 -3.90 -6.19
C GLU A 92 6.31 -3.88 -5.96
N VAL A 93 5.90 -4.52 -4.88
CA VAL A 93 4.50 -4.59 -4.52
C VAL A 93 3.96 -3.17 -4.33
N VAL A 94 4.83 -2.30 -3.83
CA VAL A 94 4.45 -0.92 -3.60
C VAL A 94 3.86 -0.33 -4.87
N GLU A 95 4.59 -0.51 -5.97
CA GLU A 95 4.16 -0.01 -7.26
C GLU A 95 2.98 -0.83 -7.77
N LYS A 96 3.00 -2.11 -7.46
CA LYS A 96 1.94 -3.01 -7.88
C LYS A 96 0.66 -2.69 -7.11
N VAL A 97 0.86 -2.20 -5.90
CA VAL A 97 -0.26 -1.85 -5.04
C VAL A 97 -0.89 -0.54 -5.54
N LYS A 98 -0.02 0.42 -5.82
CA LYS A 98 -0.47 1.71 -6.30
C LYS A 98 -1.28 1.53 -7.59
N LYS A 99 -0.73 0.72 -8.48
CA LYS A 99 -1.39 0.45 -9.75
C LYS A 99 -2.65 -0.37 -9.50
N PHE A 100 -2.55 -1.26 -8.52
CA PHE A 100 -3.68 -2.11 -8.16
C PHE A 100 -4.84 -1.29 -7.61
N VAL A 101 -4.53 -0.47 -6.63
CA VAL A 101 -5.54 0.37 -6.01
C VAL A 101 -6.17 1.27 -7.07
N GLU A 102 -5.30 1.94 -7.81
CA GLU A 102 -5.76 2.84 -8.86
C GLU A 102 -6.43 2.05 -9.99
N GLU A 103 -6.05 0.78 -10.07
CA GLU A 103 -6.61 -0.09 -11.10
C GLU A 103 -8.08 -0.41 -10.79
N ASN A 104 -8.35 -0.62 -9.51
CA ASN A 104 -9.70 -0.92 -9.08
C ASN A 104 -10.52 0.38 -9.03
N ASN A 105 -9.84 1.46 -8.70
CA ASN A 105 -10.48 2.76 -8.61
C ASN A 105 -11.48 2.90 -9.77
N MET A 1 -17.00 2.72 -5.80
CA MET A 1 -17.60 1.39 -5.84
C MET A 1 -18.88 1.39 -6.67
N SER A 2 -19.69 2.42 -6.45
CA SER A 2 -20.94 2.55 -7.18
C SER A 2 -21.84 3.58 -6.49
N LYS A 3 -21.22 4.68 -6.08
CA LYS A 3 -21.95 5.74 -5.42
C LYS A 3 -22.29 5.31 -3.99
N SER A 4 -21.38 5.60 -3.08
CA SER A 4 -21.57 5.25 -1.69
C SER A 4 -20.39 5.72 -0.85
N ASN A 5 -20.41 5.35 0.42
CA ASN A 5 -19.34 5.73 1.33
C ASN A 5 -18.02 5.16 0.82
N THR A 6 -17.09 6.06 0.53
CA THR A 6 -15.78 5.66 0.03
C THR A 6 -14.69 6.14 0.99
N TYR A 7 -13.54 5.48 0.89
CA TYR A 7 -12.41 5.83 1.73
C TYR A 7 -11.14 5.99 0.91
N ARG A 8 -10.01 6.03 1.61
CA ARG A 8 -8.72 6.19 0.96
C ARG A 8 -7.69 5.24 1.58
N MET A 9 -6.71 4.87 0.78
CA MET A 9 -5.66 3.97 1.24
C MET A 9 -4.29 4.66 1.19
N LEU A 10 -3.55 4.49 2.27
CA LEU A 10 -2.22 5.09 2.37
C LEU A 10 -1.17 3.98 2.24
N VAL A 11 -0.24 4.20 1.32
CA VAL A 11 0.82 3.24 1.11
C VAL A 11 2.15 3.82 1.63
N LEU A 12 2.72 3.12 2.60
CA LEU A 12 3.97 3.55 3.20
C LEU A 12 5.08 2.55 2.83
N LEU A 13 6.19 3.11 2.38
CA LEU A 13 7.33 2.28 1.99
C LEU A 13 8.60 2.86 2.60
N GLU A 14 9.46 1.97 3.08
CA GLU A 14 10.71 2.37 3.67
C GLU A 14 11.79 2.54 2.60
N ASP A 15 12.34 3.74 2.53
CA ASP A 15 13.37 4.04 1.55
C ASP A 15 14.69 4.33 2.28
N ASP A 16 15.71 3.58 1.91
CA ASP A 16 17.02 3.74 2.51
C ASP A 16 18.02 4.22 1.46
N THR A 17 18.53 5.42 1.67
CA THR A 17 19.48 6.01 0.75
C THR A 17 20.88 6.04 1.37
N LYS A 18 21.87 5.72 0.55
CA LYS A 18 23.25 5.72 1.02
C LYS A 18 24.18 5.49 -0.18
N ILE A 19 23.78 6.05 -1.31
CA ILE A 19 24.56 5.93 -2.53
C ILE A 19 25.16 7.29 -2.88
N ASN A 20 26.42 7.25 -3.32
CA ASN A 20 27.11 8.47 -3.69
C ASN A 20 26.43 9.09 -4.91
N LYS A 21 27.21 9.88 -5.65
CA LYS A 21 26.68 10.54 -6.83
C LYS A 21 26.37 9.49 -7.90
N GLU A 22 26.81 8.26 -7.63
CA GLU A 22 26.59 7.17 -8.57
C GLU A 22 25.09 6.96 -8.78
N ASP A 23 24.30 7.51 -7.87
CA ASP A 23 22.86 7.39 -7.96
C ASP A 23 22.22 8.66 -7.38
N GLU A 24 22.40 8.84 -6.08
CA GLU A 24 21.84 10.00 -5.40
C GLU A 24 22.65 10.31 -4.14
N LYS A 25 23.48 11.34 -4.24
CA LYS A 25 24.31 11.75 -3.12
C LYS A 25 23.41 12.28 -2.00
N PHE A 26 22.36 12.98 -2.40
CA PHE A 26 21.42 13.55 -1.46
C PHE A 26 20.32 14.33 -2.17
N LEU A 27 19.75 13.71 -3.19
CA LEU A 27 18.70 14.33 -3.96
C LEU A 27 17.52 14.67 -3.03
N LYS A 28 17.13 15.93 -3.08
CA LYS A 28 16.02 16.40 -2.25
C LYS A 28 14.71 15.80 -2.78
N GLY A 29 14.43 14.59 -2.34
CA GLY A 29 13.22 13.91 -2.75
C GLY A 29 12.94 12.69 -1.86
N LYS A 30 14.02 11.97 -1.55
CA LYS A 30 13.91 10.79 -0.71
C LYS A 30 13.50 11.21 0.71
N PRO A 31 12.69 10.33 1.35
CA PRO A 31 12.22 10.59 2.70
C PRO A 31 13.34 10.38 3.72
N GLY A 32 13.00 10.61 4.98
CA GLY A 32 13.97 10.45 6.06
C GLY A 32 13.46 9.45 7.11
N LYS A 33 12.20 9.63 7.49
CA LYS A 33 11.60 8.76 8.48
C LYS A 33 11.26 7.42 7.82
N MET A 34 10.89 6.45 8.67
CA MET A 34 10.54 5.13 8.19
C MET A 34 9.01 4.94 8.18
N HIS A 35 8.58 3.99 7.38
CA HIS A 35 7.16 3.69 7.27
C HIS A 35 6.36 4.99 7.29
N GLU A 36 6.34 5.66 6.15
CA GLU A 36 5.61 6.92 6.03
C GLU A 36 4.73 6.90 4.78
N PHE A 37 3.62 7.61 4.87
CA PHE A 37 2.69 7.69 3.76
C PHE A 37 3.34 8.33 2.53
N VAL A 38 3.13 7.70 1.39
CA VAL A 38 3.69 8.19 0.13
C VAL A 38 2.60 8.89 -0.68
N ASP A 39 1.40 8.32 -0.60
CA ASP A 39 0.26 8.88 -1.32
C ASP A 39 -1.01 8.19 -0.85
N GLU A 40 -2.13 8.81 -1.15
CA GLU A 40 -3.43 8.27 -0.77
C GLU A 40 -4.32 8.10 -2.00
N LEU A 41 -4.99 6.96 -2.04
CA LEU A 41 -5.88 6.66 -3.15
C LEU A 41 -7.25 6.23 -2.62
N ILE A 42 -8.28 6.61 -3.35
CA ILE A 42 -9.64 6.28 -2.96
C ILE A 42 -10.02 4.92 -3.55
N LEU A 43 -10.30 3.98 -2.67
CA LEU A 43 -10.68 2.65 -3.09
C LEU A 43 -12.20 2.50 -2.98
N PRO A 44 -12.76 1.63 -3.88
CA PRO A 44 -14.18 1.39 -3.89
C PRO A 44 -14.60 0.49 -2.72
N PHE A 45 -14.01 0.76 -1.57
CA PHE A 45 -14.31 0.00 -0.37
C PHE A 45 -15.43 0.66 0.44
N ASN A 46 -16.39 -0.17 0.84
CA ASN A 46 -17.51 0.32 1.62
C ASN A 46 -17.59 -0.46 2.94
N VAL A 47 -18.30 0.12 3.89
CA VAL A 47 -18.47 -0.51 5.19
C VAL A 47 -19.45 -1.68 5.07
N ASP A 48 -20.23 -1.64 4.01
CA ASP A 48 -21.21 -2.68 3.77
C ASP A 48 -20.72 -3.59 2.65
N GLU A 49 -19.41 -3.84 2.66
CA GLU A 49 -18.79 -4.70 1.65
C GLU A 49 -17.50 -5.30 2.19
N LEU A 50 -17.53 -5.61 3.48
CA LEU A 50 -16.37 -6.21 4.13
C LEU A 50 -16.18 -7.64 3.63
N ASP A 51 -17.30 -8.35 3.54
CA ASP A 51 -17.28 -9.73 3.08
C ASP A 51 -16.85 -9.76 1.61
N GLU A 52 -17.50 -8.90 0.82
CA GLU A 52 -17.20 -8.82 -0.61
C GLU A 52 -15.78 -8.29 -0.82
N LEU A 53 -15.40 -7.36 0.05
CA LEU A 53 -14.08 -6.75 -0.03
C LEU A 53 -13.03 -7.77 0.43
N ASN A 54 -13.39 -8.51 1.46
CA ASN A 54 -12.50 -9.52 2.01
C ASN A 54 -12.29 -10.63 0.98
N THR A 55 -13.35 -10.92 0.25
CA THR A 55 -13.30 -11.95 -0.77
C THR A 55 -12.51 -11.47 -1.99
N TRP A 56 -12.80 -10.24 -2.39
CA TRP A 56 -12.11 -9.65 -3.53
C TRP A 56 -10.66 -9.41 -3.14
N PHE A 57 -10.47 -8.91 -1.93
CA PHE A 57 -9.12 -8.64 -1.43
C PHE A 57 -8.36 -9.94 -1.17
N ASP A 58 -9.10 -10.94 -0.73
CA ASP A 58 -8.51 -12.24 -0.43
C ASP A 58 -7.90 -12.81 -1.71
N LYS A 59 -8.65 -12.69 -2.80
CA LYS A 59 -8.20 -13.20 -4.09
C LYS A 59 -7.07 -12.31 -4.60
N PHE A 60 -7.32 -11.01 -4.57
CA PHE A 60 -6.33 -10.05 -5.04
C PHE A 60 -5.07 -10.09 -4.17
N ASP A 61 -5.27 -10.42 -2.90
CA ASP A 61 -4.17 -10.50 -1.95
C ASP A 61 -3.14 -11.51 -2.48
N ALA A 62 -3.66 -12.60 -3.03
CA ALA A 62 -2.79 -13.64 -3.56
C ALA A 62 -2.22 -13.19 -4.92
N GLU A 63 -3.09 -12.58 -5.71
CA GLU A 63 -2.69 -12.09 -7.02
C GLU A 63 -1.61 -11.01 -6.88
N ILE A 64 -1.69 -10.29 -5.78
CA ILE A 64 -0.73 -9.23 -5.51
C ILE A 64 0.46 -9.81 -4.74
N CYS A 65 0.18 -10.85 -3.98
CA CYS A 65 1.21 -11.50 -3.19
C CYS A 65 2.05 -12.38 -4.13
N ILE A 66 1.40 -12.88 -5.16
CA ILE A 66 2.07 -13.72 -6.14
C ILE A 66 3.27 -12.98 -6.71
N PRO A 67 2.99 -11.74 -7.21
CA PRO A 67 4.05 -10.91 -7.78
C PRO A 67 4.94 -10.32 -6.69
N ASN A 68 4.62 -10.67 -5.47
CA ASN A 68 5.38 -10.18 -4.32
C ASN A 68 6.40 -11.24 -3.89
N GLU A 69 7.56 -10.76 -3.47
CA GLU A 69 8.62 -11.66 -3.03
C GLU A 69 9.10 -11.26 -1.63
N GLY A 70 8.19 -11.33 -0.68
CA GLY A 70 8.51 -10.98 0.69
C GLY A 70 7.26 -10.95 1.56
N HIS A 71 7.36 -10.23 2.68
CA HIS A 71 6.24 -10.11 3.59
C HIS A 71 5.54 -8.77 3.37
N ILE A 72 4.24 -8.77 3.63
CA ILE A 72 3.44 -7.56 3.47
C ILE A 72 2.43 -7.46 4.61
N LYS A 73 2.23 -6.25 5.08
CA LYS A 73 1.29 -6.01 6.16
C LYS A 73 0.31 -4.91 5.75
N TYR A 74 -0.94 -5.10 6.14
CA TYR A 74 -1.98 -4.14 5.82
C TYR A 74 -2.93 -3.94 7.00
N GLU A 75 -3.57 -2.78 7.02
CA GLU A 75 -4.50 -2.46 8.08
C GLU A 75 -5.77 -1.84 7.51
N ILE A 76 -6.89 -2.52 7.72
CA ILE A 76 -8.17 -2.04 7.23
C ILE A 76 -9.12 -1.85 8.41
N SER A 77 -9.43 -0.59 8.69
CA SER A 77 -10.32 -0.27 9.79
C SER A 77 -11.74 -0.04 9.26
N SER A 78 -12.67 -0.81 9.79
CA SER A 78 -14.06 -0.69 9.37
C SER A 78 -14.52 0.76 9.46
N ASP A 79 -13.87 1.50 10.34
CA ASP A 79 -14.19 2.90 10.52
C ASP A 79 -14.03 3.64 9.19
N GLY A 80 -13.24 3.04 8.32
CA GLY A 80 -12.99 3.63 7.01
C GLY A 80 -11.54 4.10 6.88
N LEU A 81 -10.64 3.27 7.39
CA LEU A 81 -9.22 3.59 7.34
C LEU A 81 -8.45 2.38 6.82
N ILE A 82 -7.82 2.58 5.67
CA ILE A 82 -7.03 1.52 5.06
C ILE A 82 -5.59 1.99 4.86
N VAL A 83 -4.66 1.15 5.29
CA VAL A 83 -3.26 1.47 5.17
C VAL A 83 -2.50 0.28 4.57
N LEU A 84 -1.51 0.59 3.76
CA LEU A 84 -0.72 -0.45 3.12
C LEU A 84 0.76 -0.25 3.48
N MET A 85 1.35 -1.28 4.06
CA MET A 85 2.74 -1.24 4.45
C MET A 85 3.56 -2.30 3.71
N LEU A 86 4.52 -1.82 2.93
CA LEU A 86 5.37 -2.72 2.17
C LEU A 86 6.83 -2.38 2.45
N ASP A 87 7.65 -3.42 2.48
CA ASP A 87 9.08 -3.25 2.73
C ASP A 87 9.77 -2.83 1.44
N LYS A 88 11.03 -2.45 1.58
CA LYS A 88 11.82 -2.03 0.43
C LYS A 88 12.16 -3.26 -0.43
N GLU A 89 12.41 -4.36 0.26
CA GLU A 89 12.75 -5.60 -0.42
C GLU A 89 11.57 -6.07 -1.28
N ILE A 90 10.43 -5.46 -1.04
CA ILE A 90 9.23 -5.80 -1.78
C ILE A 90 8.63 -4.54 -2.40
N GLU A 91 9.50 -3.60 -2.71
CA GLU A 91 9.07 -2.34 -3.30
C GLU A 91 8.21 -2.60 -4.55
N GLU A 92 8.44 -3.76 -5.15
CA GLU A 92 7.69 -4.15 -6.33
C GLU A 92 6.19 -4.12 -6.05
N VAL A 93 5.82 -4.70 -4.93
CA VAL A 93 4.42 -4.75 -4.53
C VAL A 93 3.90 -3.32 -4.36
N VAL A 94 4.78 -2.45 -3.90
CA VAL A 94 4.42 -1.06 -3.69
C VAL A 94 3.82 -0.49 -4.98
N GLU A 95 4.53 -0.72 -6.08
CA GLU A 95 4.08 -0.23 -7.37
C GLU A 95 2.87 -1.04 -7.84
N LYS A 96 2.86 -2.31 -7.48
CA LYS A 96 1.77 -3.19 -7.86
C LYS A 96 0.52 -2.83 -7.05
N VAL A 97 0.75 -2.28 -5.87
CA VAL A 97 -0.34 -1.88 -5.00
C VAL A 97 -0.94 -0.56 -5.51
N LYS A 98 -0.05 0.36 -5.85
CA LYS A 98 -0.48 1.65 -6.36
C LYS A 98 -1.33 1.45 -7.61
N LYS A 99 -0.82 0.61 -8.51
CA LYS A 99 -1.52 0.32 -9.75
C LYS A 99 -2.80 -0.44 -9.44
N PHE A 100 -2.70 -1.32 -8.45
CA PHE A 100 -3.85 -2.13 -8.05
C PHE A 100 -4.98 -1.24 -7.51
N VAL A 101 -4.61 -0.39 -6.57
CA VAL A 101 -5.57 0.51 -5.96
C VAL A 101 -6.20 1.39 -7.05
N GLU A 102 -5.33 1.99 -7.85
CA GLU A 102 -5.79 2.85 -8.92
C GLU A 102 -6.45 2.03 -10.02
N GLU A 103 -6.11 0.75 -10.04
CA GLU A 103 -6.67 -0.16 -11.03
C GLU A 103 -8.15 -0.41 -10.75
N ASN A 104 -8.46 -0.54 -9.47
CA ASN A 104 -9.83 -0.78 -9.05
C ASN A 104 -10.53 0.56 -8.83
N ASN A 105 -9.73 1.60 -8.65
CA ASN A 105 -10.26 2.93 -8.43
C ASN A 105 -11.49 3.15 -9.31
N MET A 1 -19.34 -2.38 -4.68
CA MET A 1 -19.27 -1.38 -3.63
C MET A 1 -20.62 -0.69 -3.43
N SER A 2 -21.44 -1.31 -2.59
CA SER A 2 -22.76 -0.77 -2.30
C SER A 2 -22.65 0.40 -1.34
N LYS A 3 -23.76 1.11 -1.17
CA LYS A 3 -23.80 2.25 -0.28
C LYS A 3 -22.94 3.38 -0.86
N SER A 4 -23.12 4.56 -0.30
CA SER A 4 -22.36 5.72 -0.74
C SER A 4 -21.35 6.14 0.33
N ASN A 5 -20.22 5.44 0.33
CA ASN A 5 -19.17 5.71 1.29
C ASN A 5 -17.85 5.11 0.78
N THR A 6 -16.96 6.00 0.37
CA THR A 6 -15.67 5.57 -0.14
C THR A 6 -14.54 6.03 0.80
N TYR A 7 -13.42 5.35 0.70
CA TYR A 7 -12.26 5.68 1.53
C TYR A 7 -11.00 5.82 0.68
N ARG A 8 -9.87 5.87 1.38
CA ARG A 8 -8.59 6.01 0.70
C ARG A 8 -7.54 5.10 1.38
N MET A 9 -6.56 4.70 0.59
CA MET A 9 -5.50 3.84 1.10
C MET A 9 -4.13 4.50 0.91
N LEU A 10 -3.37 4.52 1.98
CA LEU A 10 -2.04 5.11 1.95
C LEU A 10 -0.99 4.00 2.00
N VAL A 11 -0.04 4.09 1.07
CA VAL A 11 1.02 3.10 1.00
C VAL A 11 2.31 3.70 1.58
N LEU A 12 2.81 3.04 2.62
CA LEU A 12 4.03 3.49 3.28
C LEU A 12 5.15 2.49 3.00
N LEU A 13 6.31 3.04 2.65
CA LEU A 13 7.47 2.22 2.35
C LEU A 13 8.69 2.78 3.08
N GLU A 14 9.50 1.88 3.60
CA GLU A 14 10.71 2.28 4.32
C GLU A 14 11.87 2.45 3.34
N ASP A 15 12.37 3.68 3.28
CA ASP A 15 13.48 4.00 2.39
C ASP A 15 14.77 4.10 3.21
N ASP A 16 15.77 3.35 2.78
CA ASP A 16 17.06 3.36 3.46
C ASP A 16 18.10 4.04 2.58
N THR A 17 18.62 5.15 3.08
CA THR A 17 19.63 5.90 2.36
C THR A 17 19.19 6.09 0.90
N LYS A 18 20.10 6.67 0.12
CA LYS A 18 19.81 6.92 -1.29
C LYS A 18 21.07 7.51 -1.95
N ILE A 19 21.01 7.62 -3.27
CA ILE A 19 22.11 8.17 -4.03
C ILE A 19 21.77 9.59 -4.47
N ASN A 20 22.80 10.42 -4.54
CA ASN A 20 22.63 11.81 -4.94
C ASN A 20 22.16 11.85 -6.40
N LYS A 21 22.49 12.95 -7.05
CA LYS A 21 22.11 13.14 -8.45
C LYS A 21 22.51 11.90 -9.24
N GLU A 22 23.46 11.16 -8.69
CA GLU A 22 23.94 9.95 -9.35
C GLU A 22 22.79 8.96 -9.56
N ASP A 23 21.68 9.24 -8.87
CA ASP A 23 20.51 8.38 -8.98
C ASP A 23 19.25 9.22 -8.73
N GLU A 24 19.13 9.68 -7.50
CA GLU A 24 17.99 10.50 -7.12
C GLU A 24 18.38 11.49 -6.01
N LYS A 25 18.53 12.74 -6.42
CA LYS A 25 18.89 13.79 -5.47
C LYS A 25 17.68 14.17 -4.63
N PHE A 26 16.50 13.90 -5.19
CA PHE A 26 15.26 14.20 -4.50
C PHE A 26 14.06 13.81 -5.36
N LEU A 27 13.75 12.53 -5.35
CA LEU A 27 12.63 12.02 -6.11
C LEU A 27 11.34 12.16 -5.30
N LYS A 28 10.27 12.49 -6.00
CA LYS A 28 8.98 12.67 -5.35
C LYS A 28 8.35 11.29 -5.11
N GLY A 29 8.90 10.58 -4.13
CA GLY A 29 8.41 9.27 -3.79
C GLY A 29 9.10 8.73 -2.53
N LYS A 30 10.40 8.98 -2.46
CA LYS A 30 11.19 8.54 -1.32
C LYS A 30 10.78 9.33 -0.08
N PRO A 31 10.31 8.58 0.95
CA PRO A 31 9.89 9.20 2.20
C PRO A 31 11.10 9.65 3.03
N GLY A 32 10.82 10.48 4.03
CA GLY A 32 11.86 10.99 4.88
C GLY A 32 11.96 10.18 6.17
N LYS A 33 10.81 9.75 6.65
CA LYS A 33 10.75 8.95 7.87
C LYS A 33 10.40 7.51 7.52
N MET A 34 10.54 6.64 8.51
CA MET A 34 10.25 5.23 8.32
C MET A 34 8.74 4.97 8.37
N HIS A 35 8.31 4.05 7.52
CA HIS A 35 6.90 3.69 7.45
C HIS A 35 6.06 4.97 7.41
N GLU A 36 6.12 5.65 6.28
CA GLU A 36 5.37 6.87 6.10
C GLU A 36 4.58 6.84 4.79
N PHE A 37 3.40 7.45 4.81
CA PHE A 37 2.55 7.48 3.65
C PHE A 37 3.23 8.24 2.50
N VAL A 38 3.20 7.62 1.32
CA VAL A 38 3.80 8.22 0.15
C VAL A 38 2.70 8.83 -0.73
N ASP A 39 1.55 8.18 -0.73
CA ASP A 39 0.43 8.63 -1.53
C ASP A 39 -0.85 7.93 -1.05
N GLU A 40 -1.98 8.53 -1.40
CA GLU A 40 -3.27 7.97 -1.01
C GLU A 40 -4.16 7.80 -2.24
N LEU A 41 -4.86 6.67 -2.28
CA LEU A 41 -5.74 6.37 -3.38
C LEU A 41 -7.12 5.98 -2.84
N ILE A 42 -8.15 6.39 -3.57
CA ILE A 42 -9.51 6.09 -3.17
C ILE A 42 -9.91 4.72 -3.74
N LEU A 43 -10.20 3.80 -2.83
CA LEU A 43 -10.60 2.46 -3.22
C LEU A 43 -12.12 2.33 -3.10
N PRO A 44 -12.68 1.45 -3.96
CA PRO A 44 -14.11 1.22 -3.97
C PRO A 44 -14.54 0.37 -2.77
N PHE A 45 -13.95 0.69 -1.62
CA PHE A 45 -14.26 -0.04 -0.40
C PHE A 45 -15.36 0.66 0.39
N ASN A 46 -16.37 -0.11 0.74
CA ASN A 46 -17.50 0.42 1.50
C ASN A 46 -17.65 -0.38 2.80
N VAL A 47 -18.32 0.26 3.77
CA VAL A 47 -18.54 -0.39 5.05
C VAL A 47 -19.59 -1.50 4.89
N ASP A 48 -20.30 -1.43 3.78
CA ASP A 48 -21.33 -2.41 3.50
C ASP A 48 -20.83 -3.37 2.42
N GLU A 49 -19.56 -3.73 2.54
CA GLU A 49 -18.94 -4.64 1.58
C GLU A 49 -17.64 -5.20 2.16
N LEU A 50 -17.68 -5.48 3.45
CA LEU A 50 -16.52 -6.03 4.14
C LEU A 50 -16.30 -7.48 3.68
N ASP A 51 -17.40 -8.21 3.60
CA ASP A 51 -17.34 -9.61 3.19
C ASP A 51 -16.91 -9.67 1.73
N GLU A 52 -17.54 -8.84 0.91
CA GLU A 52 -17.23 -8.81 -0.51
C GLU A 52 -15.81 -8.28 -0.73
N LEU A 53 -15.44 -7.31 0.10
CA LEU A 53 -14.13 -6.70 0.00
C LEU A 53 -13.08 -7.70 0.50
N ASN A 54 -13.43 -8.39 1.58
CA ASN A 54 -12.52 -9.38 2.15
C ASN A 54 -12.30 -10.51 1.14
N THR A 55 -13.35 -10.81 0.40
CA THR A 55 -13.28 -11.87 -0.60
C THR A 55 -12.50 -11.38 -1.82
N TRP A 56 -12.79 -10.16 -2.23
CA TRP A 56 -12.14 -9.57 -3.38
C TRP A 56 -10.67 -9.33 -3.02
N PHE A 57 -10.47 -8.81 -1.81
CA PHE A 57 -9.14 -8.52 -1.32
C PHE A 57 -8.36 -9.81 -1.06
N ASP A 58 -9.07 -10.80 -0.54
CA ASP A 58 -8.46 -12.08 -0.24
C ASP A 58 -7.87 -12.68 -1.53
N LYS A 59 -8.65 -12.58 -2.60
CA LYS A 59 -8.22 -13.10 -3.88
C LYS A 59 -7.10 -12.23 -4.43
N PHE A 60 -7.34 -10.92 -4.41
CA PHE A 60 -6.36 -9.97 -4.91
C PHE A 60 -5.08 -10.03 -4.08
N ASP A 61 -5.25 -10.35 -2.81
CA ASP A 61 -4.11 -10.44 -1.90
C ASP A 61 -3.11 -11.45 -2.45
N ALA A 62 -3.64 -12.54 -3.00
CA ALA A 62 -2.81 -13.59 -3.56
C ALA A 62 -2.28 -13.14 -4.92
N GLU A 63 -3.17 -12.53 -5.70
CA GLU A 63 -2.81 -12.05 -7.02
C GLU A 63 -1.71 -10.98 -6.91
N ILE A 64 -1.77 -10.23 -5.82
CA ILE A 64 -0.79 -9.19 -5.58
C ILE A 64 0.41 -9.77 -4.84
N CYS A 65 0.14 -10.82 -4.08
CA CYS A 65 1.19 -11.47 -3.31
C CYS A 65 2.00 -12.36 -4.26
N ILE A 66 1.32 -12.84 -5.30
CA ILE A 66 1.97 -13.69 -6.28
C ILE A 66 3.17 -12.96 -6.86
N PRO A 67 2.91 -11.72 -7.35
CA PRO A 67 3.95 -10.91 -7.94
C PRO A 67 4.87 -10.32 -6.86
N ASN A 68 4.57 -10.68 -5.63
CA ASN A 68 5.36 -10.20 -4.50
C ASN A 68 6.36 -11.28 -4.09
N GLU A 69 7.53 -10.82 -3.69
CA GLU A 69 8.59 -11.72 -3.27
C GLU A 69 9.09 -11.35 -1.87
N GLY A 70 8.19 -11.46 -0.92
CA GLY A 70 8.53 -11.13 0.46
C GLY A 70 7.27 -11.11 1.34
N HIS A 71 7.39 -10.41 2.46
CA HIS A 71 6.28 -10.30 3.40
C HIS A 71 5.56 -8.97 3.18
N ILE A 72 4.26 -8.97 3.45
CA ILE A 72 3.45 -7.79 3.29
C ILE A 72 2.46 -7.68 4.46
N LYS A 73 2.24 -6.45 4.89
CA LYS A 73 1.33 -6.21 5.99
C LYS A 73 0.39 -5.05 5.63
N TYR A 74 -0.84 -5.17 6.08
CA TYR A 74 -1.85 -4.15 5.81
C TYR A 74 -2.73 -3.90 7.04
N GLU A 75 -3.37 -2.74 7.03
CA GLU A 75 -4.25 -2.37 8.14
C GLU A 75 -5.53 -1.75 7.60
N ILE A 76 -6.63 -2.44 7.84
CA ILE A 76 -7.93 -1.97 7.39
C ILE A 76 -8.86 -1.79 8.60
N SER A 77 -9.19 -0.53 8.87
CA SER A 77 -10.05 -0.22 9.99
C SER A 77 -11.51 -0.11 9.52
N SER A 78 -12.35 -0.95 10.08
CA SER A 78 -13.76 -0.96 9.74
C SER A 78 -14.33 0.47 9.80
N ASP A 79 -13.65 1.30 10.58
CA ASP A 79 -14.07 2.68 10.74
C ASP A 79 -14.10 3.36 9.37
N GLY A 80 -13.19 2.92 8.50
CA GLY A 80 -13.10 3.47 7.17
C GLY A 80 -11.68 3.99 6.89
N LEU A 81 -10.70 3.23 7.35
CA LEU A 81 -9.32 3.60 7.16
C LEU A 81 -8.53 2.38 6.69
N ILE A 82 -7.84 2.55 5.57
CA ILE A 82 -7.05 1.47 5.00
C ILE A 82 -5.61 1.96 4.78
N VAL A 83 -4.67 1.17 5.26
CA VAL A 83 -3.26 1.50 5.13
C VAL A 83 -2.50 0.28 4.60
N LEU A 84 -1.54 0.56 3.73
CA LEU A 84 -0.73 -0.50 3.15
C LEU A 84 0.72 -0.32 3.58
N MET A 85 1.30 -1.39 4.11
CA MET A 85 2.68 -1.36 4.55
C MET A 85 3.52 -2.39 3.79
N LEU A 86 4.49 -1.87 3.04
CA LEU A 86 5.36 -2.73 2.26
C LEU A 86 6.82 -2.34 2.55
N ASP A 87 7.68 -3.35 2.54
CA ASP A 87 9.09 -3.13 2.79
C ASP A 87 9.78 -2.73 1.50
N LYS A 88 11.03 -2.30 1.63
CA LYS A 88 11.81 -1.89 0.47
C LYS A 88 12.14 -3.11 -0.38
N GLU A 89 12.42 -4.22 0.30
CA GLU A 89 12.74 -5.45 -0.38
C GLU A 89 11.56 -5.92 -1.23
N ILE A 90 10.42 -5.30 -1.00
CA ILE A 90 9.22 -5.65 -1.73
C ILE A 90 8.62 -4.38 -2.35
N GLU A 91 9.50 -3.43 -2.64
CA GLU A 91 9.07 -2.17 -3.23
C GLU A 91 8.24 -2.43 -4.49
N GLU A 92 8.47 -3.59 -5.09
CA GLU A 92 7.75 -3.96 -6.29
C GLU A 92 6.25 -3.96 -6.03
N VAL A 93 5.86 -4.61 -4.95
CA VAL A 93 4.46 -4.68 -4.58
C VAL A 93 3.91 -3.27 -4.36
N VAL A 94 4.78 -2.41 -3.87
CA VAL A 94 4.41 -1.02 -3.60
C VAL A 94 3.80 -0.42 -4.87
N GLU A 95 4.51 -0.58 -5.97
CA GLU A 95 4.04 -0.07 -7.24
C GLU A 95 2.84 -0.88 -7.75
N LYS A 96 2.87 -2.16 -7.43
CA LYS A 96 1.79 -3.04 -7.84
C LYS A 96 0.53 -2.73 -7.03
N VAL A 97 0.76 -2.22 -5.83
CA VAL A 97 -0.34 -1.86 -4.94
C VAL A 97 -0.96 -0.55 -5.42
N LYS A 98 -0.10 0.41 -5.73
CA LYS A 98 -0.55 1.70 -6.18
C LYS A 98 -1.39 1.53 -7.45
N LYS A 99 -0.86 0.73 -8.37
CA LYS A 99 -1.56 0.48 -9.61
C LYS A 99 -2.82 -0.34 -9.34
N PHE A 100 -2.71 -1.24 -8.37
CA PHE A 100 -3.84 -2.07 -7.99
C PHE A 100 -4.99 -1.23 -7.45
N VAL A 101 -4.67 -0.41 -6.46
CA VAL A 101 -5.66 0.46 -5.85
C VAL A 101 -6.28 1.36 -6.92
N GLU A 102 -5.40 2.01 -7.67
CA GLU A 102 -5.85 2.90 -8.72
C GLU A 102 -6.50 2.11 -9.86
N GLU A 103 -6.15 0.83 -9.91
CA GLU A 103 -6.69 -0.05 -10.94
C GLU A 103 -8.18 -0.32 -10.68
N ASN A 104 -8.50 -0.47 -9.41
CA ASN A 104 -9.87 -0.73 -9.01
C ASN A 104 -10.59 0.60 -8.73
N ASN A 105 -9.77 1.63 -8.54
CA ASN A 105 -10.31 2.95 -8.26
C ASN A 105 -11.54 3.20 -9.13
N MET A 1 -17.64 2.93 -4.10
CA MET A 1 -17.57 2.02 -5.23
C MET A 1 -18.12 2.69 -6.50
N SER A 2 -19.40 3.04 -6.42
CA SER A 2 -20.06 3.68 -7.55
C SER A 2 -20.77 4.95 -7.09
N LYS A 3 -21.59 4.80 -6.06
CA LYS A 3 -22.33 5.93 -5.51
C LYS A 3 -22.63 5.66 -4.03
N SER A 4 -21.57 5.30 -3.31
CA SER A 4 -21.71 5.03 -1.88
C SER A 4 -20.50 5.60 -1.13
N ASN A 5 -20.49 5.32 0.17
CA ASN A 5 -19.40 5.80 1.01
C ASN A 5 -18.08 5.18 0.54
N THR A 6 -17.13 6.06 0.24
CA THR A 6 -15.83 5.63 -0.23
C THR A 6 -14.73 6.11 0.72
N TYR A 7 -13.60 5.43 0.66
CA TYR A 7 -12.46 5.78 1.50
C TYR A 7 -11.17 5.83 0.69
N ARG A 8 -10.07 6.05 1.39
CA ARG A 8 -8.77 6.13 0.75
C ARG A 8 -7.76 5.24 1.49
N MET A 9 -6.79 4.76 0.73
CA MET A 9 -5.76 3.91 1.29
C MET A 9 -4.37 4.53 1.13
N LEU A 10 -3.62 4.50 2.22
CA LEU A 10 -2.27 5.05 2.21
C LEU A 10 -1.25 3.92 2.28
N VAL A 11 -0.23 4.04 1.44
CA VAL A 11 0.82 3.04 1.39
C VAL A 11 2.11 3.62 1.95
N LEU A 12 2.77 2.84 2.79
CA LEU A 12 4.02 3.26 3.40
C LEU A 12 5.14 2.35 2.93
N LEU A 13 6.24 2.98 2.52
CA LEU A 13 7.40 2.23 2.06
C LEU A 13 8.66 2.81 2.69
N GLU A 14 9.56 1.91 3.06
CA GLU A 14 10.81 2.31 3.70
C GLU A 14 11.87 2.59 2.63
N ASP A 15 12.59 3.68 2.82
CA ASP A 15 13.63 4.07 1.89
C ASP A 15 15.00 3.76 2.51
N ASP A 16 15.79 3.01 1.75
CA ASP A 16 17.13 2.63 2.21
C ASP A 16 18.17 3.43 1.43
N THR A 17 18.92 4.25 2.16
CA THR A 17 19.95 5.06 1.54
C THR A 17 19.41 5.77 0.30
N LYS A 18 20.30 6.45 -0.40
CA LYS A 18 19.93 7.16 -1.61
C LYS A 18 21.18 7.80 -2.23
N ILE A 19 20.98 8.38 -3.40
CA ILE A 19 22.08 9.01 -4.11
C ILE A 19 21.70 10.47 -4.42
N ASN A 20 22.71 11.33 -4.37
CA ASN A 20 22.50 12.74 -4.64
C ASN A 20 22.07 12.92 -6.09
N LYS A 21 22.39 14.09 -6.63
CA LYS A 21 22.04 14.40 -8.00
C LYS A 21 22.50 13.25 -8.91
N GLU A 22 23.45 12.48 -8.40
CA GLU A 22 23.98 11.35 -9.15
C GLU A 22 22.86 10.36 -9.48
N ASP A 23 21.74 10.54 -8.81
CA ASP A 23 20.59 9.68 -9.03
C ASP A 23 19.31 10.46 -8.72
N GLU A 24 19.16 10.81 -7.46
CA GLU A 24 17.98 11.56 -7.03
C GLU A 24 18.33 12.45 -5.83
N LYS A 25 18.51 13.73 -6.13
CA LYS A 25 18.84 14.70 -5.09
C LYS A 25 17.59 15.03 -4.28
N PHE A 26 16.46 15.05 -4.97
CA PHE A 26 15.19 15.36 -4.34
C PHE A 26 14.02 15.06 -5.28
N LEU A 27 13.90 13.79 -5.65
CA LEU A 27 12.84 13.37 -6.55
C LEU A 27 11.54 13.24 -5.75
N LYS A 28 10.45 13.62 -6.40
CA LYS A 28 9.15 13.55 -5.77
C LYS A 28 8.64 12.10 -5.83
N GLY A 29 8.84 11.40 -4.72
CA GLY A 29 8.41 10.01 -4.63
C GLY A 29 8.97 9.35 -3.37
N LYS A 30 10.21 9.70 -3.06
CA LYS A 30 10.87 9.13 -1.89
C LYS A 30 10.20 9.68 -0.62
N PRO A 31 9.99 8.76 0.36
CA PRO A 31 9.36 9.14 1.61
C PRO A 31 10.34 9.92 2.50
N GLY A 32 11.40 9.24 2.88
CA GLY A 32 12.41 9.85 3.74
C GLY A 32 12.30 9.34 5.17
N LYS A 33 11.06 9.14 5.60
CA LYS A 33 10.80 8.66 6.94
C LYS A 33 10.54 7.16 6.91
N MET A 34 10.58 6.54 8.08
CA MET A 34 10.35 5.11 8.20
C MET A 34 8.86 4.80 8.18
N HIS A 35 8.48 3.92 7.27
CA HIS A 35 7.09 3.52 7.14
C HIS A 35 6.20 4.76 7.21
N GLU A 36 6.25 5.55 6.15
CA GLU A 36 5.44 6.76 6.09
C GLU A 36 4.60 6.77 4.82
N PHE A 37 3.44 7.41 4.92
CA PHE A 37 2.53 7.49 3.79
C PHE A 37 3.17 8.24 2.62
N VAL A 38 3.11 7.60 1.45
CA VAL A 38 3.68 8.18 0.26
C VAL A 38 2.58 8.84 -0.57
N ASP A 39 1.40 8.23 -0.51
CA ASP A 39 0.25 8.75 -1.25
C ASP A 39 -1.00 7.97 -0.83
N GLU A 40 -2.15 8.57 -1.12
CA GLU A 40 -3.42 7.95 -0.79
C GLU A 40 -4.28 7.79 -2.04
N LEU A 41 -4.98 6.67 -2.12
CA LEU A 41 -5.84 6.38 -3.25
C LEU A 41 -7.22 5.97 -2.74
N ILE A 42 -8.23 6.36 -3.51
CA ILE A 42 -9.61 6.05 -3.15
C ILE A 42 -9.96 4.67 -3.70
N LEU A 43 -10.30 3.76 -2.80
CA LEU A 43 -10.66 2.41 -3.19
C LEU A 43 -12.19 2.27 -3.13
N PRO A 44 -12.71 1.37 -4.00
CA PRO A 44 -14.15 1.12 -4.05
C PRO A 44 -14.60 0.28 -2.86
N PHE A 45 -14.03 0.60 -1.70
CA PHE A 45 -14.37 -0.13 -0.49
C PHE A 45 -15.46 0.60 0.29
N ASN A 46 -16.43 -0.19 0.75
CA ASN A 46 -17.54 0.37 1.52
C ASN A 46 -17.62 -0.34 2.87
N VAL A 47 -18.31 0.30 3.80
CA VAL A 47 -18.48 -0.25 5.13
C VAL A 47 -19.47 -1.41 5.08
N ASP A 48 -20.29 -1.41 4.03
CA ASP A 48 -21.29 -2.44 3.86
C ASP A 48 -20.83 -3.41 2.76
N GLU A 49 -19.52 -3.67 2.76
CA GLU A 49 -18.94 -4.56 1.76
C GLU A 49 -17.69 -5.23 2.32
N LEU A 50 -17.73 -5.52 3.61
CA LEU A 50 -16.60 -6.15 4.28
C LEU A 50 -16.43 -7.57 3.74
N ASP A 51 -17.56 -8.25 3.61
CA ASP A 51 -17.55 -9.62 3.12
C ASP A 51 -17.03 -9.64 1.68
N GLU A 52 -17.60 -8.75 0.87
CA GLU A 52 -17.20 -8.66 -0.52
C GLU A 52 -15.78 -8.11 -0.63
N LEU A 53 -15.45 -7.21 0.29
CA LEU A 53 -14.13 -6.60 0.31
C LEU A 53 -13.10 -7.64 0.76
N ASN A 54 -13.50 -8.44 1.73
CA ASN A 54 -12.63 -9.47 2.26
C ASN A 54 -12.43 -10.56 1.20
N THR A 55 -13.48 -10.80 0.45
CA THR A 55 -13.44 -11.81 -0.60
C THR A 55 -12.57 -11.33 -1.76
N TRP A 56 -12.80 -10.08 -2.15
CA TRP A 56 -12.06 -9.49 -3.25
C TRP A 56 -10.61 -9.27 -2.78
N PHE A 57 -10.49 -8.68 -1.60
CA PHE A 57 -9.18 -8.41 -1.02
C PHE A 57 -8.39 -9.71 -0.83
N ASP A 58 -9.11 -10.76 -0.45
CA ASP A 58 -8.50 -12.05 -0.22
C ASP A 58 -7.90 -12.56 -1.54
N LYS A 59 -8.67 -12.39 -2.60
CA LYS A 59 -8.25 -12.83 -3.92
C LYS A 59 -7.11 -11.92 -4.41
N PHE A 60 -7.35 -10.62 -4.30
CA PHE A 60 -6.38 -9.64 -4.72
C PHE A 60 -5.09 -9.77 -3.91
N ASP A 61 -5.25 -10.17 -2.66
CA ASP A 61 -4.12 -10.33 -1.77
C ASP A 61 -3.12 -11.32 -2.38
N ALA A 62 -3.69 -12.38 -2.96
CA ALA A 62 -2.86 -13.40 -3.59
C ALA A 62 -2.34 -12.88 -4.93
N GLU A 63 -3.23 -12.22 -5.66
CA GLU A 63 -2.87 -11.66 -6.95
C GLU A 63 -1.77 -10.62 -6.80
N ILE A 64 -1.79 -9.94 -5.66
CA ILE A 64 -0.81 -8.91 -5.38
C ILE A 64 0.41 -9.56 -4.68
N CYS A 65 0.13 -10.63 -3.96
CA CYS A 65 1.18 -11.35 -3.25
C CYS A 65 1.96 -12.19 -4.27
N ILE A 66 1.25 -12.62 -5.31
CA ILE A 66 1.86 -13.43 -6.34
C ILE A 66 3.08 -12.69 -6.90
N PRO A 67 2.84 -11.42 -7.33
CA PRO A 67 3.91 -10.61 -7.89
C PRO A 67 4.84 -10.10 -6.79
N ASN A 68 4.53 -10.50 -5.57
CA ASN A 68 5.33 -10.08 -4.42
C ASN A 68 6.31 -11.21 -4.06
N GLU A 69 7.49 -10.81 -3.63
CA GLU A 69 8.51 -11.78 -3.25
C GLU A 69 9.06 -11.44 -1.86
N GLY A 70 8.18 -11.51 -0.87
CA GLY A 70 8.58 -11.21 0.50
C GLY A 70 7.35 -11.16 1.41
N HIS A 71 7.53 -10.48 2.54
CA HIS A 71 6.44 -10.33 3.50
C HIS A 71 5.74 -8.99 3.28
N ILE A 72 4.45 -8.99 3.61
CA ILE A 72 3.64 -7.78 3.45
C ILE A 72 2.62 -7.71 4.57
N LYS A 73 2.33 -6.49 4.99
CA LYS A 73 1.36 -6.28 6.05
C LYS A 73 0.38 -5.19 5.63
N TYR A 74 -0.86 -5.33 6.10
CA TYR A 74 -1.90 -4.39 5.78
C TYR A 74 -2.80 -4.12 6.99
N GLU A 75 -3.52 -3.01 6.92
CA GLU A 75 -4.43 -2.63 8.00
C GLU A 75 -5.72 -2.05 7.43
N ILE A 76 -6.82 -2.70 7.76
CA ILE A 76 -8.13 -2.25 7.30
C ILE A 76 -9.01 -1.93 8.51
N SER A 77 -9.36 -0.65 8.62
CA SER A 77 -10.19 -0.19 9.72
C SER A 77 -11.65 -0.08 9.25
N SER A 78 -12.51 -0.84 9.92
CA SER A 78 -13.92 -0.84 9.60
C SER A 78 -14.44 0.60 9.52
N ASP A 79 -13.75 1.48 10.24
CA ASP A 79 -14.14 2.88 10.27
C ASP A 79 -14.04 3.45 8.85
N GLY A 80 -13.22 2.80 8.04
CA GLY A 80 -13.04 3.24 6.66
C GLY A 80 -11.60 3.74 6.44
N LEU A 81 -10.66 3.02 7.02
CA LEU A 81 -9.27 3.37 6.89
C LEU A 81 -8.47 2.16 6.43
N ILE A 82 -7.77 2.33 5.31
CA ILE A 82 -6.96 1.25 4.76
C ILE A 82 -5.53 1.73 4.60
N VAL A 83 -4.61 0.91 5.09
CA VAL A 83 -3.19 1.23 5.01
C VAL A 83 -2.42 0.02 4.47
N LEU A 84 -1.39 0.31 3.69
CA LEU A 84 -0.56 -0.73 3.12
C LEU A 84 0.90 -0.46 3.44
N MET A 85 1.52 -1.45 4.08
CA MET A 85 2.91 -1.34 4.45
C MET A 85 3.75 -2.44 3.79
N LEU A 86 4.72 -2.00 3.00
CA LEU A 86 5.60 -2.93 2.32
C LEU A 86 7.05 -2.55 2.57
N ASP A 87 7.90 -3.57 2.65
CA ASP A 87 9.32 -3.36 2.90
C ASP A 87 9.98 -2.88 1.60
N LYS A 88 11.19 -2.36 1.75
CA LYS A 88 11.94 -1.86 0.61
C LYS A 88 12.32 -3.04 -0.29
N GLU A 89 12.56 -4.18 0.35
CA GLU A 89 12.93 -5.38 -0.37
C GLU A 89 11.76 -5.86 -1.25
N ILE A 90 10.60 -5.28 -1.00
CA ILE A 90 9.41 -5.64 -1.74
C ILE A 90 8.77 -4.36 -2.31
N GLU A 91 9.63 -3.39 -2.59
CA GLU A 91 9.16 -2.12 -3.13
C GLU A 91 8.31 -2.37 -4.37
N GLU A 92 8.55 -3.51 -5.01
CA GLU A 92 7.82 -3.86 -6.21
C GLU A 92 6.31 -3.86 -5.93
N VAL A 93 5.94 -4.49 -4.82
CA VAL A 93 4.55 -4.56 -4.43
C VAL A 93 4.00 -3.15 -4.22
N VAL A 94 4.88 -2.28 -3.74
CA VAL A 94 4.51 -0.90 -3.48
C VAL A 94 3.90 -0.30 -4.75
N GLU A 95 4.62 -0.47 -5.86
CA GLU A 95 4.15 0.04 -7.13
C GLU A 95 2.97 -0.77 -7.64
N LYS A 96 2.98 -2.05 -7.31
CA LYS A 96 1.92 -2.95 -7.72
C LYS A 96 0.65 -2.63 -6.92
N VAL A 97 0.86 -2.14 -5.71
CA VAL A 97 -0.24 -1.79 -4.84
C VAL A 97 -0.88 -0.49 -5.31
N LYS A 98 -0.01 0.48 -5.61
CA LYS A 98 -0.46 1.77 -6.07
C LYS A 98 -1.27 1.59 -7.36
N LYS A 99 -0.72 0.80 -8.26
CA LYS A 99 -1.39 0.54 -9.54
C LYS A 99 -2.64 -0.29 -9.29
N PHE A 100 -2.54 -1.19 -8.30
CA PHE A 100 -3.65 -2.04 -7.96
C PHE A 100 -4.84 -1.24 -7.44
N VAL A 101 -4.56 -0.41 -6.45
CA VAL A 101 -5.59 0.43 -5.85
C VAL A 101 -6.20 1.32 -6.94
N GLU A 102 -5.33 2.01 -7.66
CA GLU A 102 -5.77 2.89 -8.72
C GLU A 102 -6.40 2.09 -9.86
N GLU A 103 -6.04 0.81 -9.92
CA GLU A 103 -6.55 -0.07 -10.94
C GLU A 103 -8.02 -0.39 -10.67
N ASN A 104 -8.32 -0.60 -9.39
CA ASN A 104 -9.69 -0.91 -8.99
C ASN A 104 -10.52 0.37 -9.02
N ASN A 105 -9.88 1.48 -8.70
CA ASN A 105 -10.55 2.76 -8.69
C ASN A 105 -11.52 2.84 -9.88
N MET A 1 -17.33 1.24 -3.97
CA MET A 1 -18.59 1.14 -4.69
C MET A 1 -19.01 2.51 -5.24
N SER A 2 -18.07 3.45 -5.19
CA SER A 2 -18.34 4.79 -5.67
C SER A 2 -19.76 5.21 -5.30
N LYS A 3 -20.18 4.76 -4.12
CA LYS A 3 -21.51 5.09 -3.64
C LYS A 3 -21.66 4.60 -2.19
N SER A 4 -22.65 5.15 -1.50
CA SER A 4 -22.90 4.78 -0.13
C SER A 4 -21.87 5.43 0.79
N ASN A 5 -20.60 5.16 0.49
CA ASN A 5 -19.52 5.72 1.28
C ASN A 5 -18.19 5.14 0.80
N THR A 6 -17.30 6.03 0.39
CA THR A 6 -16.00 5.62 -0.09
C THR A 6 -14.88 6.18 0.80
N TYR A 7 -13.73 5.54 0.73
CA TYR A 7 -12.59 5.97 1.53
C TYR A 7 -11.32 6.05 0.66
N ARG A 8 -10.19 6.19 1.34
CA ARG A 8 -8.91 6.27 0.66
C ARG A 8 -7.88 5.37 1.34
N MET A 9 -6.92 4.93 0.55
CA MET A 9 -5.87 4.06 1.07
C MET A 9 -4.49 4.69 0.87
N LEU A 10 -3.69 4.63 1.93
CA LEU A 10 -2.35 5.19 1.88
C LEU A 10 -1.33 4.06 1.99
N VAL A 11 -0.31 4.14 1.14
CA VAL A 11 0.74 3.13 1.13
C VAL A 11 2.01 3.73 1.71
N LEU A 12 2.64 2.97 2.60
CA LEU A 12 3.88 3.41 3.23
C LEU A 12 4.98 2.38 2.96
N LEU A 13 6.15 2.90 2.62
CA LEU A 13 7.28 2.04 2.32
C LEU A 13 8.52 2.59 3.03
N GLU A 14 9.32 1.67 3.56
CA GLU A 14 10.52 2.05 4.27
C GLU A 14 11.70 2.20 3.29
N ASP A 15 12.21 3.42 3.21
CA ASP A 15 13.32 3.70 2.32
C ASP A 15 14.60 3.87 3.15
N ASP A 16 15.64 3.17 2.71
CA ASP A 16 16.92 3.24 3.39
C ASP A 16 17.96 3.85 2.46
N THR A 17 18.47 5.00 2.87
CA THR A 17 19.47 5.71 2.08
C THR A 17 20.27 6.66 2.97
N LYS A 18 21.55 6.80 2.65
CA LYS A 18 22.43 7.68 3.39
C LYS A 18 23.75 7.83 2.65
N ILE A 19 23.71 8.61 1.58
CA ILE A 19 24.90 8.84 0.77
C ILE A 19 25.26 10.32 0.83
N ASN A 20 26.53 10.58 1.09
CA ASN A 20 27.03 11.95 1.18
C ASN A 20 26.91 12.61 -0.20
N LYS A 21 27.82 13.54 -0.45
CA LYS A 21 27.83 14.26 -1.71
C LYS A 21 27.97 13.26 -2.86
N GLU A 22 28.34 12.04 -2.49
CA GLU A 22 28.52 10.98 -3.48
C GLU A 22 27.22 10.74 -4.25
N ASP A 23 26.14 11.27 -3.69
CA ASP A 23 24.83 11.12 -4.31
C ASP A 23 23.95 12.30 -3.89
N GLU A 24 23.55 12.29 -2.63
CA GLU A 24 22.71 13.34 -2.09
C GLU A 24 22.90 13.46 -0.59
N LYS A 25 23.50 14.58 -0.19
CA LYS A 25 23.76 14.83 1.22
C LYS A 25 22.42 14.98 1.95
N PHE A 26 21.46 15.54 1.24
CA PHE A 26 20.13 15.75 1.82
C PHE A 26 19.19 16.38 0.79
N LEU A 27 18.72 15.55 -0.13
CA LEU A 27 17.81 16.01 -1.17
C LEU A 27 16.40 16.16 -0.58
N LYS A 28 15.77 17.28 -0.90
CA LYS A 28 14.44 17.56 -0.42
C LYS A 28 13.43 16.73 -1.22
N GLY A 29 13.53 15.42 -1.06
CA GLY A 29 12.63 14.51 -1.75
C GLY A 29 12.55 13.17 -1.04
N LYS A 30 13.72 12.67 -0.62
CA LYS A 30 13.79 11.40 0.07
C LYS A 30 13.13 11.53 1.44
N PRO A 31 12.54 10.40 1.90
CA PRO A 31 11.86 10.37 3.19
C PRO A 31 12.87 10.35 4.34
N GLY A 32 12.45 10.92 5.46
CA GLY A 32 13.31 10.97 6.63
C GLY A 32 12.82 10.01 7.71
N LYS A 33 11.51 9.93 7.84
CA LYS A 33 10.90 9.05 8.84
C LYS A 33 10.67 7.67 8.21
N MET A 34 10.37 6.71 9.07
CA MET A 34 10.12 5.35 8.62
C MET A 34 8.62 5.07 8.50
N HIS A 35 8.30 4.17 7.58
CA HIS A 35 6.91 3.81 7.36
C HIS A 35 6.05 5.07 7.28
N GLU A 36 6.17 5.75 6.15
CA GLU A 36 5.41 6.98 5.94
C GLU A 36 4.57 6.86 4.66
N PHE A 37 3.46 7.58 4.66
CA PHE A 37 2.55 7.57 3.53
C PHE A 37 3.24 8.15 2.29
N VAL A 38 3.04 7.45 1.17
CA VAL A 38 3.63 7.88 -0.09
C VAL A 38 2.57 8.58 -0.93
N ASP A 39 1.35 8.06 -0.84
CA ASP A 39 0.24 8.62 -1.59
C ASP A 39 -1.06 7.96 -1.13
N GLU A 40 -2.16 8.63 -1.44
CA GLU A 40 -3.47 8.12 -1.07
C GLU A 40 -4.34 7.92 -2.31
N LEU A 41 -5.03 6.79 -2.34
CA LEU A 41 -5.89 6.46 -3.46
C LEU A 41 -7.26 6.04 -2.94
N ILE A 42 -8.29 6.41 -3.69
CA ILE A 42 -9.64 6.07 -3.32
C ILE A 42 -9.99 4.68 -3.85
N LEU A 43 -10.42 3.82 -2.94
CA LEU A 43 -10.78 2.46 -3.30
C LEU A 43 -12.29 2.29 -3.18
N PRO A 44 -12.84 1.39 -4.04
CA PRO A 44 -14.27 1.12 -4.03
C PRO A 44 -14.67 0.28 -2.82
N PHE A 45 -14.08 0.61 -1.68
CA PHE A 45 -14.36 -0.11 -0.46
C PHE A 45 -15.49 0.56 0.33
N ASN A 46 -16.44 -0.25 0.77
CA ASN A 46 -17.56 0.24 1.53
C ASN A 46 -17.63 -0.47 2.88
N VAL A 47 -18.30 0.16 3.82
CA VAL A 47 -18.44 -0.40 5.15
C VAL A 47 -19.51 -1.49 5.12
N ASP A 48 -20.29 -1.49 4.05
CA ASP A 48 -21.34 -2.48 3.89
C ASP A 48 -20.93 -3.49 2.83
N GLU A 49 -19.66 -3.85 2.86
CA GLU A 49 -19.12 -4.81 1.90
C GLU A 49 -17.83 -5.42 2.43
N LEU A 50 -17.77 -5.56 3.76
CA LEU A 50 -16.60 -6.13 4.39
C LEU A 50 -16.39 -7.56 3.89
N ASP A 51 -17.51 -8.24 3.66
CA ASP A 51 -17.45 -9.61 3.18
C ASP A 51 -16.94 -9.62 1.74
N GLU A 52 -17.54 -8.76 0.93
CA GLU A 52 -17.15 -8.67 -0.47
C GLU A 52 -15.73 -8.10 -0.59
N LEU A 53 -15.42 -7.17 0.31
CA LEU A 53 -14.10 -6.55 0.31
C LEU A 53 -13.06 -7.58 0.76
N ASN A 54 -13.44 -8.36 1.75
CA ASN A 54 -12.55 -9.38 2.28
C ASN A 54 -12.36 -10.48 1.22
N THR A 55 -13.40 -10.72 0.46
CA THR A 55 -13.36 -11.73 -0.59
C THR A 55 -12.52 -11.24 -1.76
N TRP A 56 -12.76 -9.99 -2.14
CA TRP A 56 -12.02 -9.40 -3.26
C TRP A 56 -10.58 -9.19 -2.80
N PHE A 57 -10.44 -8.60 -1.62
CA PHE A 57 -9.11 -8.33 -1.07
C PHE A 57 -8.32 -9.63 -0.89
N ASP A 58 -9.03 -10.66 -0.46
CA ASP A 58 -8.42 -11.96 -0.25
C ASP A 58 -7.85 -12.47 -1.57
N LYS A 59 -8.65 -12.33 -2.61
CA LYS A 59 -8.24 -12.77 -3.94
C LYS A 59 -7.10 -11.88 -4.45
N PHE A 60 -7.31 -10.57 -4.34
CA PHE A 60 -6.32 -9.61 -4.77
C PHE A 60 -5.03 -9.77 -3.97
N ASP A 61 -5.18 -10.18 -2.73
CA ASP A 61 -4.04 -10.36 -1.86
C ASP A 61 -3.07 -11.37 -2.49
N ALA A 62 -3.65 -12.41 -3.07
CA ALA A 62 -2.87 -13.44 -3.72
C ALA A 62 -2.36 -12.92 -5.06
N GLU A 63 -3.24 -12.26 -5.78
CA GLU A 63 -2.89 -11.71 -7.08
C GLU A 63 -1.77 -10.67 -6.93
N ILE A 64 -1.80 -9.98 -5.81
CA ILE A 64 -0.81 -8.96 -5.53
C ILE A 64 0.39 -9.60 -4.82
N CYS A 65 0.10 -10.67 -4.11
CA CYS A 65 1.14 -11.39 -3.38
C CYS A 65 1.94 -12.23 -4.38
N ILE A 66 1.25 -12.66 -5.43
CA ILE A 66 1.87 -13.46 -6.47
C ILE A 66 3.09 -12.73 -7.01
N PRO A 67 2.84 -11.45 -7.44
CA PRO A 67 3.91 -10.63 -7.99
C PRO A 67 4.83 -10.12 -6.89
N ASN A 68 4.53 -10.53 -5.66
CA ASN A 68 5.32 -10.12 -4.52
C ASN A 68 6.29 -11.24 -4.15
N GLU A 69 7.48 -10.84 -3.72
CA GLU A 69 8.50 -11.79 -3.33
C GLU A 69 9.04 -11.46 -1.94
N GLY A 70 8.15 -11.55 -0.96
CA GLY A 70 8.52 -11.25 0.42
C GLY A 70 7.28 -11.21 1.31
N HIS A 71 7.44 -10.54 2.45
CA HIS A 71 6.35 -10.41 3.40
C HIS A 71 5.67 -9.06 3.22
N ILE A 72 4.36 -9.05 3.48
CA ILE A 72 3.58 -7.83 3.35
C ILE A 72 2.55 -7.76 4.48
N LYS A 73 2.26 -6.54 4.88
CA LYS A 73 1.29 -6.32 5.96
C LYS A 73 0.33 -5.20 5.55
N TYR A 74 -0.88 -5.29 6.08
CA TYR A 74 -1.90 -4.30 5.78
C TYR A 74 -2.72 -3.97 7.03
N GLU A 75 -3.37 -2.80 6.98
CA GLU A 75 -4.18 -2.36 8.09
C GLU A 75 -5.51 -1.81 7.58
N ILE A 76 -6.58 -2.50 7.95
CA ILE A 76 -7.92 -2.08 7.53
C ILE A 76 -8.77 -1.81 8.78
N SER A 77 -9.07 -0.54 8.99
CA SER A 77 -9.87 -0.14 10.13
C SER A 77 -11.34 -0.03 9.72
N SER A 78 -12.15 -0.83 10.39
CA SER A 78 -13.59 -0.84 10.12
C SER A 78 -14.12 0.59 10.07
N ASP A 79 -13.42 1.48 10.76
CA ASP A 79 -13.81 2.87 10.81
C ASP A 79 -13.87 3.42 9.38
N GLY A 80 -13.02 2.88 8.53
CA GLY A 80 -12.96 3.31 7.14
C GLY A 80 -11.57 3.85 6.78
N LEU A 81 -10.56 3.16 7.28
CA LEU A 81 -9.19 3.55 7.03
C LEU A 81 -8.39 2.32 6.59
N ILE A 82 -7.91 2.36 5.35
CA ILE A 82 -7.14 1.27 4.81
C ILE A 82 -5.70 1.76 4.53
N VAL A 83 -4.75 1.01 5.07
CA VAL A 83 -3.36 1.35 4.90
C VAL A 83 -2.58 0.10 4.48
N LEU A 84 -1.58 0.31 3.63
CA LEU A 84 -0.76 -0.79 3.15
C LEU A 84 0.71 -0.48 3.44
N MET A 85 1.38 -1.46 4.02
CA MET A 85 2.79 -1.30 4.35
C MET A 85 3.62 -2.41 3.71
N LEU A 86 4.62 -1.99 2.94
CA LEU A 86 5.50 -2.92 2.26
C LEU A 86 6.95 -2.56 2.57
N ASP A 87 7.80 -3.58 2.54
CA ASP A 87 9.22 -3.38 2.81
C ASP A 87 9.92 -2.93 1.52
N LYS A 88 11.17 -2.54 1.66
CA LYS A 88 11.96 -2.10 0.53
C LYS A 88 12.30 -3.30 -0.35
N GLU A 89 12.56 -4.42 0.30
CA GLU A 89 12.90 -5.64 -0.41
C GLU A 89 11.73 -6.10 -1.27
N ILE A 90 10.58 -5.48 -1.03
CA ILE A 90 9.38 -5.81 -1.78
C ILE A 90 8.77 -4.54 -2.34
N GLU A 91 9.65 -3.58 -2.63
CA GLU A 91 9.21 -2.31 -3.18
C GLU A 91 8.35 -2.53 -4.43
N GLU A 92 8.58 -3.68 -5.06
CA GLU A 92 7.84 -4.02 -6.26
C GLU A 92 6.34 -3.99 -5.99
N VAL A 93 5.96 -4.61 -4.88
CA VAL A 93 4.56 -4.66 -4.49
C VAL A 93 4.03 -3.24 -4.30
N VAL A 94 4.92 -2.37 -3.82
CA VAL A 94 4.57 -0.99 -3.58
C VAL A 94 3.99 -0.38 -4.86
N GLU A 95 4.70 -0.58 -5.96
CA GLU A 95 4.26 -0.07 -7.24
C GLU A 95 3.07 -0.87 -7.76
N LYS A 96 3.09 -2.16 -7.47
CA LYS A 96 2.01 -3.04 -7.88
C LYS A 96 0.74 -2.71 -7.09
N VAL A 97 0.96 -2.20 -5.89
CA VAL A 97 -0.15 -1.84 -5.02
C VAL A 97 -0.76 -0.53 -5.50
N LYS A 98 0.11 0.42 -5.81
CA LYS A 98 -0.33 1.72 -6.28
C LYS A 98 -1.16 1.54 -7.55
N LYS A 99 -0.63 0.73 -8.46
CA LYS A 99 -1.31 0.47 -9.71
C LYS A 99 -2.57 -0.36 -9.44
N PHE A 100 -2.47 -1.25 -8.46
CA PHE A 100 -3.58 -2.09 -8.10
C PHE A 100 -4.76 -1.26 -7.58
N VAL A 101 -4.46 -0.41 -6.60
CA VAL A 101 -5.48 0.44 -6.02
C VAL A 101 -6.11 1.30 -7.11
N GLU A 102 -5.25 1.96 -7.86
CA GLU A 102 -5.70 2.82 -8.95
C GLU A 102 -6.33 1.99 -10.07
N GLU A 103 -5.94 0.72 -10.10
CA GLU A 103 -6.45 -0.20 -11.10
C GLU A 103 -7.92 -0.52 -10.82
N ASN A 104 -8.23 -0.68 -9.54
CA ASN A 104 -9.59 -1.00 -9.13
C ASN A 104 -10.42 0.29 -9.13
N ASN A 105 -9.75 1.39 -8.84
CA ASN A 105 -10.41 2.69 -8.80
C ASN A 105 -11.40 2.78 -9.96
N MET A 1 -17.60 0.61 -3.19
CA MET A 1 -18.02 0.06 -4.47
C MET A 1 -18.34 1.18 -5.46
N SER A 2 -19.13 2.13 -5.01
CA SER A 2 -19.51 3.25 -5.84
C SER A 2 -20.82 3.88 -5.32
N LYS A 3 -21.66 3.03 -4.76
CA LYS A 3 -22.92 3.48 -4.21
C LYS A 3 -22.72 4.82 -3.51
N SER A 4 -22.04 4.76 -2.38
CA SER A 4 -21.76 5.95 -1.59
C SER A 4 -20.87 5.61 -0.40
N ASN A 5 -20.08 6.59 0.00
CA ASN A 5 -19.17 6.41 1.13
C ASN A 5 -17.93 5.65 0.64
N THR A 6 -16.89 6.42 0.36
CA THR A 6 -15.64 5.84 -0.11
C THR A 6 -14.48 6.25 0.80
N TYR A 7 -13.43 5.45 0.76
CA TYR A 7 -12.26 5.73 1.58
C TYR A 7 -11.00 5.83 0.71
N ARG A 8 -9.86 5.86 1.39
CA ARG A 8 -8.58 5.95 0.70
C ARG A 8 -7.54 5.09 1.39
N MET A 9 -6.59 4.60 0.60
CA MET A 9 -5.54 3.77 1.12
C MET A 9 -4.18 4.48 1.05
N LEU A 10 -3.45 4.40 2.14
CA LEU A 10 -2.14 5.03 2.23
C LEU A 10 -1.06 3.96 2.20
N VAL A 11 -0.20 4.07 1.20
CA VAL A 11 0.89 3.11 1.04
C VAL A 11 2.18 3.71 1.61
N LEU A 12 2.77 2.99 2.55
CA LEU A 12 4.00 3.44 3.18
C LEU A 12 5.11 2.42 2.90
N LEU A 13 6.26 2.94 2.49
CA LEU A 13 7.40 2.09 2.18
C LEU A 13 8.65 2.69 2.83
N GLU A 14 9.23 1.92 3.75
CA GLU A 14 10.42 2.37 4.45
C GLU A 14 11.67 1.95 3.67
N ASP A 15 12.42 2.94 3.22
CA ASP A 15 13.64 2.68 2.48
C ASP A 15 14.84 3.16 3.28
N ASP A 16 15.98 2.54 3.01
CA ASP A 16 17.20 2.89 3.71
C ASP A 16 18.16 3.58 2.72
N THR A 17 18.47 4.83 3.03
CA THR A 17 19.37 5.61 2.19
C THR A 17 20.81 5.51 2.71
N LYS A 18 21.69 6.26 2.06
CA LYS A 18 23.09 6.27 2.46
C LYS A 18 23.87 7.20 1.52
N ILE A 19 23.76 8.49 1.80
CA ILE A 19 24.44 9.48 1.00
C ILE A 19 25.84 9.73 1.58
N ASN A 20 26.82 9.79 0.68
CA ASN A 20 28.19 10.02 1.10
C ASN A 20 28.31 11.41 1.71
N LYS A 21 29.55 11.90 1.73
CA LYS A 21 29.81 13.22 2.30
C LYS A 21 29.18 14.29 1.39
N GLU A 22 28.71 13.83 0.23
CA GLU A 22 28.09 14.74 -0.73
C GLU A 22 26.88 15.43 -0.09
N ASP A 23 26.45 14.88 1.03
CA ASP A 23 25.31 15.44 1.74
C ASP A 23 25.47 15.18 3.24
N GLU A 24 25.39 13.91 3.59
CA GLU A 24 25.53 13.50 4.99
C GLU A 24 25.85 12.01 5.08
N LYS A 25 27.12 11.73 5.34
CA LYS A 25 27.57 10.36 5.46
C LYS A 25 27.69 9.99 6.94
N PHE A 26 28.11 10.97 7.73
CA PHE A 26 28.26 10.77 9.16
C PHE A 26 26.97 10.22 9.78
N LEU A 27 25.86 10.74 9.29
CA LEU A 27 24.56 10.31 9.78
C LEU A 27 24.25 8.91 9.25
N LYS A 28 23.50 8.16 10.06
CA LYS A 28 23.13 6.81 9.69
C LYS A 28 22.11 6.86 8.54
N GLY A 29 22.60 7.22 7.37
CA GLY A 29 21.75 7.32 6.21
C GLY A 29 20.28 7.32 6.59
N LYS A 30 19.76 8.52 6.82
CA LYS A 30 18.37 8.68 7.20
C LYS A 30 17.62 9.44 6.11
N PRO A 31 16.58 8.76 5.54
CA PRO A 31 15.79 9.37 4.49
C PRO A 31 14.84 10.42 5.06
N GLY A 32 14.45 10.21 6.30
CA GLY A 32 13.54 11.13 6.97
C GLY A 32 12.76 10.43 8.07
N LYS A 33 11.63 9.85 7.70
CA LYS A 33 10.80 9.15 8.64
C LYS A 33 10.66 7.69 8.22
N MET A 34 10.44 6.83 9.20
CA MET A 34 10.30 5.40 8.95
C MET A 34 8.82 5.03 8.75
N HIS A 35 8.58 4.20 7.76
CA HIS A 35 7.23 3.76 7.46
C HIS A 35 6.31 4.97 7.35
N GLU A 36 6.38 5.61 6.19
CA GLU A 36 5.55 6.79 5.95
C GLU A 36 4.78 6.64 4.64
N PHE A 37 3.58 7.19 4.63
CA PHE A 37 2.73 7.13 3.45
C PHE A 37 3.39 7.82 2.26
N VAL A 38 3.20 7.24 1.09
CA VAL A 38 3.77 7.79 -0.13
C VAL A 38 2.69 8.53 -0.90
N ASP A 39 1.47 8.00 -0.83
CA ASP A 39 0.34 8.60 -1.50
C ASP A 39 -0.95 7.90 -1.06
N GLU A 40 -2.06 8.57 -1.32
CA GLU A 40 -3.36 8.03 -0.96
C GLU A 40 -4.21 7.80 -2.20
N LEU A 41 -4.89 6.66 -2.21
CA LEU A 41 -5.74 6.30 -3.33
C LEU A 41 -7.12 5.89 -2.81
N ILE A 42 -8.14 6.30 -3.56
CA ILE A 42 -9.51 5.97 -3.18
C ILE A 42 -9.86 4.58 -3.70
N LEU A 43 -10.24 3.71 -2.77
CA LEU A 43 -10.62 2.35 -3.13
C LEU A 43 -12.14 2.22 -3.09
N PRO A 44 -12.66 1.31 -3.96
CA PRO A 44 -14.09 1.07 -4.02
C PRO A 44 -14.56 0.24 -2.82
N PHE A 45 -14.03 0.59 -1.66
CA PHE A 45 -14.38 -0.11 -0.43
C PHE A 45 -15.52 0.60 0.29
N ASN A 46 -16.52 -0.18 0.68
CA ASN A 46 -17.67 0.36 1.38
C ASN A 46 -17.83 -0.36 2.72
N VAL A 47 -18.57 0.28 3.62
CA VAL A 47 -18.81 -0.28 4.94
C VAL A 47 -19.81 -1.43 4.82
N ASP A 48 -20.54 -1.43 3.72
CA ASP A 48 -21.53 -2.46 3.47
C ASP A 48 -21.01 -3.43 2.42
N GLU A 49 -19.71 -3.72 2.52
CA GLU A 49 -19.08 -4.63 1.57
C GLU A 49 -17.82 -5.24 2.19
N LEU A 50 -17.91 -5.53 3.48
CA LEU A 50 -16.80 -6.13 4.19
C LEU A 50 -16.58 -7.56 3.72
N ASP A 51 -17.70 -8.27 3.58
CA ASP A 51 -17.65 -9.65 3.14
C ASP A 51 -17.07 -9.71 1.72
N GLU A 52 -17.63 -8.87 0.85
CA GLU A 52 -17.18 -8.81 -0.52
C GLU A 52 -15.76 -8.23 -0.61
N LEU A 53 -15.49 -7.29 0.28
CA LEU A 53 -14.18 -6.66 0.32
C LEU A 53 -13.15 -7.67 0.82
N ASN A 54 -13.56 -8.46 1.81
CA ASN A 54 -12.68 -9.47 2.38
C ASN A 54 -12.45 -10.58 1.35
N THR A 55 -13.49 -10.84 0.58
CA THR A 55 -13.41 -11.88 -0.44
C THR A 55 -12.54 -11.41 -1.61
N TRP A 56 -12.79 -10.17 -2.03
CA TRP A 56 -12.03 -9.60 -3.13
C TRP A 56 -10.59 -9.37 -2.65
N PHE A 57 -10.49 -8.73 -1.49
CA PHE A 57 -9.19 -8.44 -0.90
C PHE A 57 -8.38 -9.73 -0.70
N ASP A 58 -9.07 -10.77 -0.28
CA ASP A 58 -8.44 -12.05 -0.04
C ASP A 58 -7.85 -12.57 -1.35
N LYS A 59 -8.65 -12.45 -2.41
CA LYS A 59 -8.22 -12.91 -3.71
C LYS A 59 -7.10 -12.00 -4.23
N PHE A 60 -7.34 -10.70 -4.15
CA PHE A 60 -6.37 -9.73 -4.59
C PHE A 60 -5.06 -9.86 -3.80
N ASP A 61 -5.21 -10.26 -2.55
CA ASP A 61 -4.06 -10.43 -1.68
C ASP A 61 -3.08 -11.42 -2.32
N ALA A 62 -3.64 -12.46 -2.91
CA ALA A 62 -2.84 -13.48 -3.56
C ALA A 62 -2.35 -12.95 -4.91
N GLU A 63 -3.27 -12.31 -5.62
CA GLU A 63 -2.95 -11.77 -6.94
C GLU A 63 -1.85 -10.70 -6.81
N ILE A 64 -1.87 -10.02 -5.67
CA ILE A 64 -0.88 -8.98 -5.42
C ILE A 64 0.34 -9.60 -4.76
N CYS A 65 0.11 -10.68 -4.03
CA CYS A 65 1.18 -11.37 -3.34
C CYS A 65 1.96 -12.20 -4.36
N ILE A 66 1.24 -12.64 -5.38
CA ILE A 66 1.84 -13.45 -6.43
C ILE A 66 3.03 -12.68 -7.03
N PRO A 67 2.75 -11.41 -7.44
CA PRO A 67 3.78 -10.57 -8.03
C PRO A 67 4.73 -10.04 -6.96
N ASN A 68 4.48 -10.46 -5.72
CA ASN A 68 5.30 -10.03 -4.60
C ASN A 68 6.30 -11.15 -4.27
N GLU A 69 7.50 -10.71 -3.88
CA GLU A 69 8.54 -11.65 -3.52
C GLU A 69 9.08 -11.35 -2.13
N GLY A 70 8.20 -11.45 -1.14
CA GLY A 70 8.58 -11.18 0.24
C GLY A 70 7.35 -11.15 1.14
N HIS A 71 7.51 -10.50 2.28
CA HIS A 71 6.42 -10.39 3.25
C HIS A 71 5.70 -9.06 3.05
N ILE A 72 4.42 -9.06 3.39
CA ILE A 72 3.60 -7.87 3.25
C ILE A 72 2.65 -7.76 4.44
N LYS A 73 2.42 -6.54 4.87
CA LYS A 73 1.53 -6.29 6.00
C LYS A 73 0.57 -5.15 5.65
N TYR A 74 -0.67 -5.31 6.08
CA TYR A 74 -1.69 -4.31 5.83
C TYR A 74 -2.61 -4.12 7.04
N GLU A 75 -3.24 -2.96 7.10
CA GLU A 75 -4.13 -2.64 8.19
C GLU A 75 -5.41 -1.98 7.67
N ILE A 76 -6.52 -2.68 7.84
CA ILE A 76 -7.80 -2.17 7.39
C ILE A 76 -8.71 -1.93 8.61
N SER A 77 -9.09 -0.68 8.79
CA SER A 77 -9.95 -0.31 9.90
C SER A 77 -11.39 -0.14 9.41
N SER A 78 -12.27 -0.95 9.97
CA SER A 78 -13.68 -0.90 9.61
C SER A 78 -14.18 0.55 9.62
N ASP A 79 -13.55 1.34 10.48
CA ASP A 79 -13.91 2.75 10.59
C ASP A 79 -13.88 3.40 9.21
N GLY A 80 -13.12 2.77 8.32
CA GLY A 80 -12.99 3.29 6.95
C GLY A 80 -11.58 3.82 6.70
N LEU A 81 -10.60 3.07 7.18
CA LEU A 81 -9.20 3.46 7.02
C LEU A 81 -8.40 2.26 6.51
N ILE A 82 -7.82 2.44 5.33
CA ILE A 82 -7.03 1.38 4.72
C ILE A 82 -5.58 1.85 4.61
N VAL A 83 -4.67 1.01 5.09
CA VAL A 83 -3.25 1.32 5.05
C VAL A 83 -2.49 0.10 4.52
N LEU A 84 -1.46 0.39 3.72
CA LEU A 84 -0.65 -0.66 3.14
C LEU A 84 0.81 -0.45 3.55
N MET A 85 1.39 -1.49 4.15
CA MET A 85 2.77 -1.42 4.58
C MET A 85 3.63 -2.45 3.84
N LEU A 86 4.57 -1.93 3.06
CA LEU A 86 5.46 -2.78 2.30
C LEU A 86 6.91 -2.35 2.55
N ASP A 87 7.78 -3.35 2.59
CA ASP A 87 9.20 -3.09 2.82
C ASP A 87 9.86 -2.65 1.51
N LYS A 88 11.01 -2.03 1.65
CA LYS A 88 11.74 -1.55 0.48
C LYS A 88 12.17 -2.75 -0.37
N GLU A 89 12.47 -3.85 0.31
CA GLU A 89 12.88 -5.07 -0.36
C GLU A 89 11.74 -5.60 -1.22
N ILE A 90 10.56 -5.05 -1.01
CA ILE A 90 9.38 -5.47 -1.75
C ILE A 90 8.71 -4.24 -2.36
N GLU A 91 9.52 -3.23 -2.66
CA GLU A 91 9.03 -2.01 -3.24
C GLU A 91 8.18 -2.31 -4.48
N GLU A 92 8.47 -3.46 -5.08
CA GLU A 92 7.75 -3.88 -6.27
C GLU A 92 6.23 -3.89 -6.00
N VAL A 93 5.87 -4.52 -4.89
CA VAL A 93 4.48 -4.63 -4.51
C VAL A 93 3.91 -3.22 -4.30
N VAL A 94 4.77 -2.33 -3.82
CA VAL A 94 4.37 -0.96 -3.57
C VAL A 94 3.77 -0.37 -4.85
N GLU A 95 4.49 -0.54 -5.94
CA GLU A 95 4.04 -0.04 -7.23
C GLU A 95 2.84 -0.86 -7.73
N LYS A 96 2.88 -2.14 -7.42
CA LYS A 96 1.82 -3.04 -7.83
C LYS A 96 0.55 -2.72 -7.03
N VAL A 97 0.76 -2.23 -5.81
CA VAL A 97 -0.35 -1.88 -4.95
C VAL A 97 -0.98 -0.57 -5.43
N LYS A 98 -0.12 0.38 -5.77
CA LYS A 98 -0.58 1.68 -6.23
C LYS A 98 -1.39 1.48 -7.52
N LYS A 99 -0.84 0.68 -8.42
CA LYS A 99 -1.50 0.41 -9.68
C LYS A 99 -2.76 -0.42 -9.42
N PHE A 100 -2.67 -1.30 -8.43
CA PHE A 100 -3.78 -2.15 -8.07
C PHE A 100 -4.96 -1.33 -7.57
N VAL A 101 -4.69 -0.48 -6.58
CA VAL A 101 -5.72 0.37 -6.00
C VAL A 101 -6.32 1.24 -7.10
N GLU A 102 -5.45 1.92 -7.83
CA GLU A 102 -5.88 2.78 -8.90
C GLU A 102 -6.52 1.97 -10.03
N GLU A 103 -6.14 0.70 -10.08
CA GLU A 103 -6.67 -0.20 -11.10
C GLU A 103 -8.14 -0.50 -10.82
N ASN A 104 -8.45 -0.68 -9.54
CA ASN A 104 -9.81 -0.98 -9.13
C ASN A 104 -10.64 0.30 -9.18
N ASN A 105 -9.98 1.41 -8.85
CA ASN A 105 -10.65 2.70 -8.85
C ASN A 105 -11.59 2.78 -10.06
N MET A 1 -16.83 2.31 -4.87
CA MET A 1 -18.19 2.72 -5.20
C MET A 1 -18.28 4.24 -5.36
N SER A 2 -19.25 4.67 -6.14
CA SER A 2 -19.45 6.09 -6.39
C SER A 2 -20.58 6.62 -5.49
N LYS A 3 -21.77 6.09 -5.73
CA LYS A 3 -22.93 6.50 -4.97
C LYS A 3 -22.99 5.70 -3.67
N SER A 4 -21.97 5.88 -2.85
CA SER A 4 -21.88 5.18 -1.59
C SER A 4 -20.68 5.67 -0.78
N ASN A 5 -20.69 5.36 0.51
CA ASN A 5 -19.61 5.77 1.37
C ASN A 5 -18.30 5.15 0.90
N THR A 6 -17.44 5.99 0.36
CA THR A 6 -16.16 5.54 -0.15
C THR A 6 -15.02 6.03 0.75
N TYR A 7 -13.89 5.35 0.66
CA TYR A 7 -12.73 5.71 1.46
C TYR A 7 -11.48 5.82 0.59
N ARG A 8 -10.34 5.90 1.26
CA ARG A 8 -9.07 6.01 0.56
C ARG A 8 -8.01 5.17 1.26
N MET A 9 -7.00 4.78 0.48
CA MET A 9 -5.92 3.97 1.01
C MET A 9 -4.56 4.61 0.71
N LEU A 10 -3.71 4.63 1.73
CA LEU A 10 -2.39 5.20 1.59
C LEU A 10 -1.34 4.11 1.73
N VAL A 11 -0.35 4.17 0.85
CA VAL A 11 0.72 3.18 0.87
C VAL A 11 2.01 3.83 1.39
N LEU A 12 2.55 3.25 2.44
CA LEU A 12 3.77 3.76 3.04
C LEU A 12 4.93 2.80 2.72
N LEU A 13 6.03 3.39 2.27
CA LEU A 13 7.21 2.60 1.92
C LEU A 13 8.44 3.26 2.54
N GLU A 14 9.30 2.43 3.10
CA GLU A 14 10.53 2.90 3.72
C GLU A 14 11.64 3.02 2.68
N ASP A 15 12.51 3.99 2.91
CA ASP A 15 13.63 4.21 2.01
C ASP A 15 14.90 3.61 2.60
N ASP A 16 15.77 3.15 1.72
CA ASP A 16 17.02 2.54 2.15
C ASP A 16 18.19 3.43 1.70
N THR A 17 19.11 3.65 2.63
CA THR A 17 20.27 4.48 2.34
C THR A 17 21.07 3.89 1.16
N LYS A 18 22.05 4.66 0.72
CA LYS A 18 22.88 4.22 -0.39
C LYS A 18 24.22 4.97 -0.34
N ILE A 19 24.87 4.89 0.81
CA ILE A 19 26.14 5.55 1.00
C ILE A 19 27.25 4.51 1.09
N ASN A 20 28.40 4.84 0.52
CA ASN A 20 29.54 3.94 0.53
C ASN A 20 29.97 3.69 1.98
N LYS A 21 31.24 3.32 2.13
CA LYS A 21 31.78 3.05 3.45
C LYS A 21 31.88 4.37 4.24
N GLU A 22 31.64 5.46 3.53
CA GLU A 22 31.69 6.77 4.15
C GLU A 22 30.68 6.86 5.29
N ASP A 23 29.73 5.94 5.27
CA ASP A 23 28.70 5.90 6.30
C ASP A 23 28.37 4.45 6.62
N GLU A 24 27.80 3.76 5.65
CA GLU A 24 27.43 2.37 5.82
C GLU A 24 27.54 1.62 4.49
N LYS A 25 28.60 0.83 4.38
CA LYS A 25 28.84 0.06 3.18
C LYS A 25 28.33 -1.37 3.38
N PHE A 26 28.51 -1.86 4.60
CA PHE A 26 28.07 -3.20 4.94
C PHE A 26 26.54 -3.31 4.89
N LEU A 27 25.89 -2.35 5.55
CA LEU A 27 24.45 -2.32 5.59
C LEU A 27 23.91 -1.75 4.28
N LYS A 28 22.83 -2.35 3.80
CA LYS A 28 22.21 -1.91 2.56
C LYS A 28 21.72 -0.48 2.73
N GLY A 29 20.60 -0.34 3.42
CA GLY A 29 20.02 0.97 3.65
C GLY A 29 18.95 0.91 4.75
N LYS A 30 19.37 1.27 5.96
CA LYS A 30 18.46 1.25 7.09
C LYS A 30 17.98 2.68 7.37
N PRO A 31 16.65 2.89 7.19
CA PRO A 31 16.06 4.19 7.42
C PRO A 31 15.92 4.48 8.91
N GLY A 32 15.65 3.43 9.66
CA GLY A 32 15.50 3.55 11.10
C GLY A 32 14.02 3.74 11.49
N LYS A 33 13.34 4.55 10.70
CA LYS A 33 11.93 4.82 10.94
C LYS A 33 11.08 3.88 10.09
N MET A 34 9.79 3.88 10.38
CA MET A 34 8.86 3.03 9.65
C MET A 34 8.51 3.65 8.29
N HIS A 35 7.83 2.85 7.48
CA HIS A 35 7.43 3.29 6.15
C HIS A 35 6.60 4.58 6.27
N GLU A 36 6.70 5.40 5.25
CA GLU A 36 5.96 6.66 5.22
C GLU A 36 5.03 6.70 4.02
N PHE A 37 3.86 7.30 4.23
CA PHE A 37 2.87 7.42 3.17
C PHE A 37 3.44 8.17 1.97
N VAL A 38 3.23 7.60 0.80
CA VAL A 38 3.71 8.21 -0.43
C VAL A 38 2.55 8.91 -1.15
N ASP A 39 1.40 8.25 -1.10
CA ASP A 39 0.21 8.80 -1.73
C ASP A 39 -1.02 7.99 -1.30
N GLU A 40 -2.18 8.56 -1.53
CA GLU A 40 -3.43 7.91 -1.17
C GLU A 40 -4.32 7.74 -2.40
N LEU A 41 -5.02 6.62 -2.45
CA LEU A 41 -5.91 6.34 -3.56
C LEU A 41 -7.28 5.92 -3.02
N ILE A 42 -8.32 6.29 -3.76
CA ILE A 42 -9.68 5.95 -3.37
C ILE A 42 -10.01 4.55 -3.87
N LEU A 43 -10.47 3.71 -2.95
CA LEU A 43 -10.84 2.35 -3.28
C LEU A 43 -12.36 2.19 -3.17
N PRO A 44 -12.90 1.28 -4.02
CA PRO A 44 -14.34 1.02 -4.02
C PRO A 44 -14.75 0.20 -2.79
N PHE A 45 -14.17 0.56 -1.66
CA PHE A 45 -14.47 -0.13 -0.42
C PHE A 45 -15.59 0.58 0.34
N ASN A 46 -16.55 -0.21 0.81
CA ASN A 46 -17.67 0.32 1.56
C ASN A 46 -17.75 -0.37 2.91
N VAL A 47 -18.47 0.27 3.83
CA VAL A 47 -18.63 -0.27 5.16
C VAL A 47 -19.60 -1.44 5.12
N ASP A 48 -20.40 -1.48 4.06
CA ASP A 48 -21.37 -2.54 3.88
C ASP A 48 -20.89 -3.49 2.78
N GLU A 49 -19.60 -3.75 2.78
CA GLU A 49 -19.00 -4.62 1.79
C GLU A 49 -17.72 -5.26 2.33
N LEU A 50 -17.76 -5.58 3.61
CA LEU A 50 -16.62 -6.19 4.27
C LEU A 50 -16.44 -7.61 3.74
N ASP A 51 -17.56 -8.31 3.62
CA ASP A 51 -17.53 -9.68 3.12
C ASP A 51 -17.01 -9.69 1.68
N GLU A 52 -17.59 -8.82 0.88
CA GLU A 52 -17.18 -8.71 -0.52
C GLU A 52 -15.78 -8.14 -0.63
N LEU A 53 -15.46 -7.24 0.29
CA LEU A 53 -14.16 -6.61 0.31
C LEU A 53 -13.10 -7.64 0.76
N ASN A 54 -13.50 -8.44 1.73
CA ASN A 54 -12.62 -9.46 2.27
C ASN A 54 -12.39 -10.54 1.21
N THR A 55 -13.47 -10.85 0.49
CA THR A 55 -13.40 -11.86 -0.55
C THR A 55 -12.51 -11.37 -1.71
N TRP A 56 -12.75 -10.14 -2.11
CA TRP A 56 -11.98 -9.55 -3.20
C TRP A 56 -10.55 -9.32 -2.70
N PHE A 57 -10.46 -8.72 -1.53
CA PHE A 57 -9.17 -8.42 -0.93
C PHE A 57 -8.36 -9.72 -0.72
N ASP A 58 -9.08 -10.77 -0.34
CA ASP A 58 -8.46 -12.05 -0.11
C ASP A 58 -7.85 -12.58 -1.40
N LYS A 59 -8.61 -12.44 -2.48
CA LYS A 59 -8.16 -12.89 -3.78
C LYS A 59 -7.05 -11.95 -4.28
N PHE A 60 -7.34 -10.66 -4.20
CA PHE A 60 -6.39 -9.66 -4.63
C PHE A 60 -5.09 -9.73 -3.82
N ASP A 61 -5.24 -10.14 -2.57
CA ASP A 61 -4.09 -10.26 -1.69
C ASP A 61 -3.08 -11.24 -2.30
N ALA A 62 -3.61 -12.33 -2.85
CA ALA A 62 -2.77 -13.34 -3.47
C ALA A 62 -2.25 -12.81 -4.81
N GLU A 63 -3.16 -12.17 -5.54
CA GLU A 63 -2.80 -11.62 -6.84
C GLU A 63 -1.71 -10.56 -6.68
N ILE A 64 -1.73 -9.90 -5.53
CA ILE A 64 -0.76 -8.86 -5.25
C ILE A 64 0.47 -9.49 -4.58
N CYS A 65 0.22 -10.56 -3.86
CA CYS A 65 1.29 -11.26 -3.16
C CYS A 65 2.06 -12.10 -4.19
N ILE A 66 1.34 -12.54 -5.21
CA ILE A 66 1.95 -13.34 -6.26
C ILE A 66 3.15 -12.58 -6.85
N PRO A 67 2.88 -11.32 -7.27
CA PRO A 67 3.92 -10.48 -7.84
C PRO A 67 4.86 -9.95 -6.77
N ASN A 68 4.59 -10.36 -5.54
CA ASN A 68 5.40 -9.93 -4.41
C ASN A 68 6.39 -11.05 -4.06
N GLU A 69 7.58 -10.62 -3.65
CA GLU A 69 8.62 -11.56 -3.28
C GLU A 69 9.20 -11.19 -1.92
N GLY A 70 8.35 -11.24 -0.90
CA GLY A 70 8.76 -10.93 0.45
C GLY A 70 7.56 -10.86 1.40
N HIS A 71 7.75 -10.17 2.51
CA HIS A 71 6.70 -10.03 3.49
C HIS A 71 5.95 -8.71 3.26
N ILE A 72 4.68 -8.73 3.60
CA ILE A 72 3.84 -7.55 3.44
C ILE A 72 2.86 -7.45 4.61
N LYS A 73 2.52 -6.22 4.96
CA LYS A 73 1.60 -5.98 6.06
C LYS A 73 0.61 -4.87 5.66
N TYR A 74 -0.62 -5.03 6.11
CA TYR A 74 -1.66 -4.06 5.81
C TYR A 74 -2.55 -3.81 7.03
N GLU A 75 -3.22 -2.68 7.01
CA GLU A 75 -4.10 -2.31 8.10
C GLU A 75 -5.40 -1.69 7.55
N ILE A 76 -6.51 -2.35 7.84
CA ILE A 76 -7.80 -1.87 7.38
C ILE A 76 -8.70 -1.62 8.59
N SER A 77 -9.07 -0.36 8.77
CA SER A 77 -9.93 0.02 9.88
C SER A 77 -11.38 0.14 9.41
N SER A 78 -12.23 -0.67 10.01
CA SER A 78 -13.63 -0.68 9.66
C SER A 78 -14.18 0.75 9.66
N ASP A 79 -13.54 1.59 10.46
CA ASP A 79 -13.94 2.98 10.56
C ASP A 79 -13.91 3.63 9.18
N GLY A 80 -13.14 3.01 8.29
CA GLY A 80 -13.02 3.51 6.93
C GLY A 80 -11.61 4.04 6.67
N LEU A 81 -10.63 3.30 7.17
CA LEU A 81 -9.23 3.69 7.00
C LEU A 81 -8.43 2.48 6.51
N ILE A 82 -7.81 2.65 5.36
CA ILE A 82 -7.01 1.59 4.77
C ILE A 82 -5.57 2.08 4.58
N VAL A 83 -4.64 1.30 5.10
CA VAL A 83 -3.23 1.64 5.00
C VAL A 83 -2.46 0.43 4.50
N LEU A 84 -1.45 0.71 3.68
CA LEU A 84 -0.62 -0.35 3.13
C LEU A 84 0.84 -0.12 3.55
N MET A 85 1.43 -1.15 4.13
CA MET A 85 2.80 -1.08 4.58
C MET A 85 3.67 -2.11 3.85
N LEU A 86 4.63 -1.60 3.08
CA LEU A 86 5.53 -2.46 2.34
C LEU A 86 6.98 -2.04 2.63
N ASP A 87 7.87 -3.02 2.54
CA ASP A 87 9.28 -2.77 2.79
C ASP A 87 9.93 -2.29 1.50
N LYS A 88 11.18 -1.84 1.63
CA LYS A 88 11.92 -1.35 0.48
C LYS A 88 12.36 -2.53 -0.38
N GLU A 89 12.59 -3.66 0.29
CA GLU A 89 13.01 -4.87 -0.39
C GLU A 89 11.86 -5.42 -1.25
N ILE A 90 10.68 -4.88 -1.01
CA ILE A 90 9.50 -5.31 -1.75
C ILE A 90 8.81 -4.09 -2.35
N GLU A 91 9.62 -3.09 -2.68
CA GLU A 91 9.11 -1.86 -3.27
C GLU A 91 8.25 -2.18 -4.50
N GLU A 92 8.53 -3.34 -5.09
CA GLU A 92 7.80 -3.76 -6.28
C GLU A 92 6.30 -3.78 -5.98
N VAL A 93 5.94 -4.40 -4.86
CA VAL A 93 4.55 -4.48 -4.46
C VAL A 93 3.98 -3.08 -4.30
N VAL A 94 4.84 -2.17 -3.85
CA VAL A 94 4.43 -0.79 -3.64
C VAL A 94 3.81 -0.25 -4.93
N GLU A 95 4.53 -0.45 -6.03
CA GLU A 95 4.06 0.02 -7.32
C GLU A 95 2.89 -0.84 -7.80
N LYS A 96 2.96 -2.12 -7.48
CA LYS A 96 1.92 -3.06 -7.86
C LYS A 96 0.65 -2.76 -7.07
N VAL A 97 0.85 -2.24 -5.87
CA VAL A 97 -0.25 -1.91 -4.99
C VAL A 97 -0.92 -0.62 -5.49
N LYS A 98 -0.09 0.35 -5.80
CA LYS A 98 -0.59 1.63 -6.29
C LYS A 98 -1.41 1.40 -7.56
N LYS A 99 -0.86 0.62 -8.46
CA LYS A 99 -1.53 0.31 -9.71
C LYS A 99 -2.77 -0.54 -9.42
N PHE A 100 -2.64 -1.39 -8.42
CA PHE A 100 -3.74 -2.26 -8.04
C PHE A 100 -4.93 -1.45 -7.52
N VAL A 101 -4.64 -0.56 -6.57
CA VAL A 101 -5.67 0.28 -6.00
C VAL A 101 -6.33 1.10 -7.11
N GLU A 102 -5.49 1.77 -7.87
CA GLU A 102 -5.98 2.60 -8.97
C GLU A 102 -6.60 1.72 -10.06
N GLU A 103 -6.20 0.47 -10.07
CA GLU A 103 -6.70 -0.48 -11.05
C GLU A 103 -8.15 -0.85 -10.71
N ASN A 104 -8.43 -0.96 -9.42
CA ASN A 104 -9.76 -1.31 -8.96
C ASN A 104 -10.64 -0.06 -9.00
N ASN A 105 -10.01 1.08 -8.77
CA ASN A 105 -10.73 2.34 -8.77
C ASN A 105 -11.77 2.34 -9.89
N MET A 1 -19.71 4.13 -4.98
CA MET A 1 -18.99 2.87 -4.93
C MET A 1 -19.93 1.68 -5.16
N SER A 2 -21.09 1.76 -4.53
CA SER A 2 -22.08 0.71 -4.66
C SER A 2 -23.14 0.84 -3.56
N LYS A 3 -22.72 1.41 -2.44
CA LYS A 3 -23.61 1.60 -1.32
C LYS A 3 -23.76 3.10 -1.04
N SER A 4 -22.71 3.67 -0.47
CA SER A 4 -22.70 5.09 -0.16
C SER A 4 -21.67 5.38 0.93
N ASN A 5 -20.41 5.39 0.53
CA ASN A 5 -19.32 5.65 1.45
C ASN A 5 -18.03 5.08 0.88
N THR A 6 -17.09 5.97 0.61
CA THR A 6 -15.80 5.57 0.07
C THR A 6 -14.67 6.05 0.96
N TYR A 7 -13.52 5.40 0.82
CA TYR A 7 -12.36 5.75 1.61
C TYR A 7 -11.10 5.85 0.74
N ARG A 8 -9.96 5.92 1.41
CA ARG A 8 -8.70 6.02 0.70
C ARG A 8 -7.66 5.10 1.34
N MET A 9 -6.66 4.74 0.55
CA MET A 9 -5.60 3.87 1.03
C MET A 9 -4.23 4.54 0.92
N LEU A 10 -3.48 4.47 2.00
CA LEU A 10 -2.16 5.06 2.04
C LEU A 10 -1.10 3.96 2.07
N VAL A 11 -0.07 4.15 1.25
CA VAL A 11 1.01 3.18 1.18
C VAL A 11 2.30 3.81 1.72
N LEU A 12 2.94 3.10 2.62
CA LEU A 12 4.18 3.57 3.22
C LEU A 12 5.31 2.58 2.92
N LEU A 13 6.45 3.13 2.53
CA LEU A 13 7.60 2.30 2.21
C LEU A 13 8.85 2.90 2.87
N GLU A 14 9.69 2.02 3.37
CA GLU A 14 10.91 2.44 4.04
C GLU A 14 12.05 2.60 3.01
N ASP A 15 12.94 3.52 3.31
CA ASP A 15 14.07 3.77 2.42
C ASP A 15 15.18 2.78 2.73
N ASP A 16 16.01 2.53 1.71
CA ASP A 16 17.11 1.61 1.86
C ASP A 16 18.44 2.37 1.79
N THR A 17 19.47 1.79 2.38
CA THR A 17 20.79 2.41 2.38
C THR A 17 21.60 1.93 1.18
N LYS A 18 22.26 2.88 0.55
CA LYS A 18 23.10 2.56 -0.61
C LYS A 18 23.78 3.84 -1.10
N ILE A 19 24.17 4.68 -0.14
CA ILE A 19 24.82 5.92 -0.46
C ILE A 19 26.27 5.87 0.03
N ASN A 20 27.18 6.24 -0.86
CA ASN A 20 28.60 6.23 -0.53
C ASN A 20 28.87 7.29 0.55
N LYS A 21 30.15 7.64 0.67
CA LYS A 21 30.55 8.63 1.66
C LYS A 21 30.13 10.02 1.18
N GLU A 22 29.57 10.05 -0.02
CA GLU A 22 29.11 11.30 -0.60
C GLU A 22 28.17 12.03 0.37
N ASP A 23 27.66 11.27 1.33
CA ASP A 23 26.77 11.83 2.33
C ASP A 23 26.86 11.00 3.61
N GLU A 24 26.36 9.78 3.53
CA GLU A 24 26.38 8.88 4.68
C GLU A 24 26.48 7.43 4.21
N LYS A 25 27.63 6.83 4.49
CA LYS A 25 27.86 5.45 4.11
C LYS A 25 26.92 4.54 4.89
N PHE A 26 26.26 5.14 5.88
CA PHE A 26 25.33 4.39 6.71
C PHE A 26 23.89 4.85 6.46
N LEU A 27 23.69 6.15 6.55
CA LEU A 27 22.37 6.73 6.34
C LEU A 27 22.16 6.99 4.85
N LYS A 28 20.91 6.93 4.44
CA LYS A 28 20.57 7.17 3.04
C LYS A 28 19.36 8.10 2.96
N GLY A 29 19.67 9.40 2.87
CA GLY A 29 18.62 10.40 2.79
C GLY A 29 17.52 10.14 3.81
N LYS A 30 17.73 10.68 5.02
CA LYS A 30 16.77 10.50 6.09
C LYS A 30 15.47 11.22 5.73
N PRO A 31 14.40 10.40 5.50
CA PRO A 31 13.11 10.94 5.15
C PRO A 31 12.42 11.57 6.37
N GLY A 32 12.80 11.07 7.54
CA GLY A 32 12.23 11.57 8.77
C GLY A 32 11.72 10.42 9.65
N LYS A 33 10.61 9.84 9.21
CA LYS A 33 10.01 8.74 9.94
C LYS A 33 9.95 7.50 9.02
N MET A 34 10.07 6.34 9.64
CA MET A 34 10.02 5.09 8.91
C MET A 34 8.59 4.70 8.57
N HIS A 35 8.38 4.35 7.31
CA HIS A 35 7.06 3.95 6.85
C HIS A 35 6.13 5.17 6.84
N GLU A 36 6.36 6.04 5.87
CA GLU A 36 5.55 7.24 5.73
C GLU A 36 4.67 7.16 4.48
N PHE A 37 3.55 7.85 4.55
CA PHE A 37 2.61 7.86 3.44
C PHE A 37 3.26 8.47 2.18
N VAL A 38 3.19 7.70 1.10
CA VAL A 38 3.77 8.13 -0.16
C VAL A 38 2.67 8.76 -1.02
N ASP A 39 1.48 8.19 -0.91
CA ASP A 39 0.34 8.67 -1.67
C ASP A 39 -0.94 7.98 -1.17
N GLU A 40 -2.07 8.59 -1.51
CA GLU A 40 -3.35 8.05 -1.11
C GLU A 40 -4.24 7.82 -2.32
N LEU A 41 -4.94 6.70 -2.31
CA LEU A 41 -5.83 6.36 -3.41
C LEU A 41 -7.20 5.98 -2.86
N ILE A 42 -8.23 6.31 -3.63
CA ILE A 42 -9.60 6.01 -3.22
C ILE A 42 -9.99 4.63 -3.74
N LEU A 43 -10.30 3.74 -2.80
CA LEU A 43 -10.69 2.40 -3.16
C LEU A 43 -12.21 2.25 -3.03
N PRO A 44 -12.78 1.37 -3.88
CA PRO A 44 -14.22 1.13 -3.86
C PRO A 44 -14.63 0.30 -2.65
N PHE A 45 -14.02 0.62 -1.52
CA PHE A 45 -14.31 -0.09 -0.28
C PHE A 45 -15.39 0.65 0.53
N ASN A 46 -16.39 -0.11 0.94
CA ASN A 46 -17.49 0.44 1.72
C ASN A 46 -17.60 -0.32 3.05
N VAL A 47 -18.28 0.30 3.99
CA VAL A 47 -18.47 -0.30 5.30
C VAL A 47 -19.49 -1.44 5.18
N ASP A 48 -20.26 -1.39 4.11
CA ASP A 48 -21.27 -2.41 3.88
C ASP A 48 -20.83 -3.30 2.71
N GLU A 49 -19.55 -3.60 2.70
CA GLU A 49 -18.99 -4.44 1.64
C GLU A 49 -17.71 -5.13 2.15
N LEU A 50 -17.75 -5.54 3.40
CA LEU A 50 -16.62 -6.21 4.01
C LEU A 50 -16.49 -7.62 3.41
N ASP A 51 -17.62 -8.27 3.28
CA ASP A 51 -17.65 -9.62 2.74
C ASP A 51 -17.15 -9.58 1.29
N GLU A 52 -17.72 -8.66 0.53
CA GLU A 52 -17.34 -8.51 -0.87
C GLU A 52 -15.91 -7.99 -0.98
N LEU A 53 -15.54 -7.14 -0.03
CA LEU A 53 -14.20 -6.57 -0.01
C LEU A 53 -13.20 -7.65 0.38
N ASN A 54 -13.61 -8.47 1.35
CA ASN A 54 -12.75 -9.55 1.82
C ASN A 54 -12.56 -10.58 0.72
N THR A 55 -13.65 -10.83 0.00
CA THR A 55 -13.62 -11.80 -1.09
C THR A 55 -12.73 -11.29 -2.22
N TRP A 56 -12.92 -10.03 -2.57
CA TRP A 56 -12.14 -9.42 -3.63
C TRP A 56 -10.70 -9.24 -3.12
N PHE A 57 -10.60 -8.69 -1.92
CA PHE A 57 -9.30 -8.47 -1.32
C PHE A 57 -8.54 -9.78 -1.14
N ASP A 58 -9.30 -10.83 -0.84
CA ASP A 58 -8.71 -12.15 -0.64
C ASP A 58 -8.09 -12.63 -1.96
N LYS A 59 -8.83 -12.41 -3.04
CA LYS A 59 -8.36 -12.81 -4.36
C LYS A 59 -7.21 -11.90 -4.79
N PHE A 60 -7.44 -10.61 -4.64
CA PHE A 60 -6.45 -9.62 -5.01
C PHE A 60 -5.20 -9.74 -4.12
N ASP A 61 -5.43 -10.14 -2.89
CA ASP A 61 -4.36 -10.31 -1.93
C ASP A 61 -3.35 -11.32 -2.48
N ALA A 62 -3.87 -12.41 -3.00
CA ALA A 62 -3.04 -13.46 -3.57
C ALA A 62 -2.45 -12.98 -4.88
N GLU A 63 -3.29 -12.34 -5.68
CA GLU A 63 -2.85 -11.83 -6.98
C GLU A 63 -1.77 -10.77 -6.79
N ILE A 64 -1.81 -10.13 -5.62
CA ILE A 64 -0.85 -9.10 -5.31
C ILE A 64 0.37 -9.72 -4.62
N CYS A 65 0.10 -10.80 -3.89
CA CYS A 65 1.16 -11.50 -3.19
C CYS A 65 1.93 -12.36 -4.19
N ILE A 66 1.20 -12.80 -5.21
CA ILE A 66 1.79 -13.64 -6.24
C ILE A 66 3.01 -12.92 -6.83
N PRO A 67 2.78 -11.66 -7.28
CA PRO A 67 3.84 -10.87 -7.86
C PRO A 67 4.80 -10.34 -6.78
N ASN A 68 4.49 -10.72 -5.54
CA ASN A 68 5.31 -10.29 -4.42
C ASN A 68 6.27 -11.42 -4.04
N GLU A 69 7.47 -11.03 -3.63
CA GLU A 69 8.48 -11.99 -3.24
C GLU A 69 9.07 -11.62 -1.88
N GLY A 70 8.22 -11.65 -0.87
CA GLY A 70 8.64 -11.31 0.48
C GLY A 70 7.44 -11.21 1.42
N HIS A 71 7.65 -10.50 2.52
CA HIS A 71 6.60 -10.32 3.51
C HIS A 71 5.87 -8.99 3.25
N ILE A 72 4.61 -8.96 3.62
CA ILE A 72 3.79 -7.77 3.43
C ILE A 72 2.83 -7.63 4.61
N LYS A 73 2.58 -6.39 4.98
CA LYS A 73 1.68 -6.10 6.09
C LYS A 73 0.71 -4.98 5.68
N TYR A 74 -0.52 -5.10 6.16
CA TYR A 74 -1.53 -4.11 5.85
C TYR A 74 -2.42 -3.84 7.07
N GLU A 75 -3.11 -2.71 7.02
CA GLU A 75 -3.98 -2.32 8.11
C GLU A 75 -5.28 -1.73 7.56
N ILE A 76 -6.37 -2.43 7.82
CA ILE A 76 -7.68 -1.99 7.37
C ILE A 76 -8.60 -1.79 8.57
N SER A 77 -9.01 -0.54 8.75
CA SER A 77 -9.90 -0.20 9.85
C SER A 77 -11.33 -0.08 9.37
N SER A 78 -12.20 -0.88 9.96
CA SER A 78 -13.61 -0.87 9.59
C SER A 78 -14.16 0.55 9.66
N ASP A 79 -13.49 1.37 10.45
CA ASP A 79 -13.90 2.76 10.61
C ASP A 79 -13.89 3.44 9.25
N GLY A 80 -13.01 2.97 8.39
CA GLY A 80 -12.89 3.53 7.05
C GLY A 80 -11.46 4.03 6.79
N LEU A 81 -10.50 3.24 7.27
CA LEU A 81 -9.10 3.60 7.11
C LEU A 81 -8.33 2.37 6.59
N ILE A 82 -7.64 2.57 5.48
CA ILE A 82 -6.87 1.51 4.88
C ILE A 82 -5.43 1.99 4.64
N VAL A 83 -4.49 1.21 5.15
CA VAL A 83 -3.08 1.56 5.00
C VAL A 83 -2.31 0.32 4.50
N LEU A 84 -1.32 0.58 3.67
CA LEU A 84 -0.51 -0.50 3.13
C LEU A 84 0.95 -0.28 3.52
N MET A 85 1.54 -1.32 4.09
CA MET A 85 2.93 -1.25 4.52
C MET A 85 3.78 -2.30 3.81
N LEU A 86 4.72 -1.81 3.02
CA LEU A 86 5.61 -2.69 2.27
C LEU A 86 7.06 -2.28 2.51
N ASP A 87 7.93 -3.27 2.51
CA ASP A 87 9.35 -3.01 2.73
C ASP A 87 10.00 -2.59 1.41
N LYS A 88 11.24 -2.15 1.51
CA LYS A 88 11.97 -1.70 0.34
C LYS A 88 12.37 -2.92 -0.49
N GLU A 89 12.58 -4.04 0.20
CA GLU A 89 12.97 -5.27 -0.45
C GLU A 89 11.82 -5.80 -1.31
N ILE A 90 10.64 -5.23 -1.09
CA ILE A 90 9.45 -5.63 -1.82
C ILE A 90 8.79 -4.40 -2.42
N GLU A 91 9.61 -3.42 -2.75
CA GLU A 91 9.11 -2.18 -3.34
C GLU A 91 8.24 -2.48 -4.56
N GLU A 92 8.50 -3.63 -5.16
CA GLU A 92 7.76 -4.04 -6.33
C GLU A 92 6.26 -4.05 -6.03
N VAL A 93 5.90 -4.67 -4.92
CA VAL A 93 4.52 -4.76 -4.52
C VAL A 93 3.96 -3.35 -4.31
N VAL A 94 4.84 -2.47 -3.86
CA VAL A 94 4.46 -1.08 -3.63
C VAL A 94 3.81 -0.52 -4.89
N GLU A 95 4.49 -0.70 -6.01
CA GLU A 95 4.00 -0.22 -7.28
C GLU A 95 2.78 -1.04 -7.72
N LYS A 96 2.82 -2.32 -7.40
CA LYS A 96 1.74 -3.21 -7.76
C LYS A 96 0.51 -2.88 -6.91
N VAL A 97 0.77 -2.37 -5.72
CA VAL A 97 -0.30 -2.01 -4.81
C VAL A 97 -0.95 -0.70 -5.28
N LYS A 98 -0.09 0.24 -5.63
CA LYS A 98 -0.57 1.53 -6.11
C LYS A 98 -1.45 1.34 -7.35
N LYS A 99 -0.93 0.53 -8.27
CA LYS A 99 -1.65 0.25 -9.50
C LYS A 99 -2.91 -0.57 -9.18
N PHE A 100 -2.76 -1.44 -8.19
CA PHE A 100 -3.86 -2.30 -7.77
C PHE A 100 -5.03 -1.45 -7.25
N VAL A 101 -4.71 -0.56 -6.32
CA VAL A 101 -5.71 0.31 -5.74
C VAL A 101 -6.37 1.14 -6.83
N GLU A 102 -5.53 1.79 -7.62
CA GLU A 102 -6.01 2.62 -8.71
C GLU A 102 -6.65 1.76 -9.80
N GLU A 103 -6.29 0.48 -9.79
CA GLU A 103 -6.82 -0.45 -10.76
C GLU A 103 -8.28 -0.79 -10.43
N ASN A 104 -8.55 -0.92 -9.14
CA ASN A 104 -9.88 -1.24 -8.68
C ASN A 104 -10.74 0.04 -8.68
N ASN A 105 -10.07 1.15 -8.48
CA ASN A 105 -10.75 2.44 -8.46
C ASN A 105 -11.83 2.45 -9.55
N MET A 1 -16.81 1.50 -5.08
CA MET A 1 -18.24 1.44 -4.87
C MET A 1 -18.84 2.84 -4.68
N SER A 2 -19.69 3.22 -5.62
CA SER A 2 -20.33 4.53 -5.57
C SER A 2 -21.61 4.46 -4.73
N LYS A 3 -21.74 3.35 -4.00
CA LYS A 3 -22.90 3.15 -3.16
C LYS A 3 -23.27 4.47 -2.49
N SER A 4 -22.38 4.94 -1.64
CA SER A 4 -22.60 6.19 -0.92
C SER A 4 -21.69 6.27 0.30
N ASN A 5 -20.43 5.90 0.08
CA ASN A 5 -19.46 5.92 1.15
C ASN A 5 -18.16 5.27 0.67
N THR A 6 -17.16 6.10 0.45
CA THR A 6 -15.87 5.62 -0.01
C THR A 6 -14.75 6.06 0.94
N TYR A 7 -13.64 5.35 0.89
CA TYR A 7 -12.51 5.65 1.73
C TYR A 7 -11.24 5.84 0.90
N ARG A 8 -10.12 5.90 1.61
CA ARG A 8 -8.83 6.07 0.95
C ARG A 8 -7.78 5.16 1.59
N MET A 9 -6.82 4.73 0.76
CA MET A 9 -5.76 3.87 1.23
C MET A 9 -4.41 4.57 1.15
N LEU A 10 -3.68 4.50 2.26
CA LEU A 10 -2.36 5.12 2.32
C LEU A 10 -1.28 4.03 2.29
N VAL A 11 -0.38 4.17 1.33
CA VAL A 11 0.70 3.22 1.16
C VAL A 11 2.00 3.83 1.68
N LEU A 12 2.59 3.15 2.65
CA LEU A 12 3.83 3.63 3.25
C LEU A 12 4.97 2.70 2.82
N LEU A 13 6.06 3.31 2.38
CA LEU A 13 7.22 2.56 1.94
C LEU A 13 8.48 3.17 2.55
N GLU A 14 9.40 2.30 2.96
CA GLU A 14 10.64 2.74 3.56
C GLU A 14 11.68 3.01 2.47
N ASP A 15 12.24 4.21 2.51
CA ASP A 15 13.25 4.59 1.55
C ASP A 15 14.60 4.77 2.26
N ASP A 16 15.60 4.08 1.73
CA ASP A 16 16.94 4.15 2.30
C ASP A 16 17.65 5.39 1.77
N THR A 17 18.09 6.22 2.69
CA THR A 17 18.79 7.45 2.34
C THR A 17 19.95 7.14 1.40
N LYS A 18 19.71 7.31 0.11
CA LYS A 18 20.73 7.04 -0.89
C LYS A 18 21.49 8.34 -1.19
N ILE A 19 22.16 8.84 -0.16
CA ILE A 19 22.92 10.07 -0.31
C ILE A 19 24.41 9.73 -0.34
N ASN A 20 25.12 10.43 -1.23
CA ASN A 20 26.54 10.21 -1.38
C ASN A 20 27.25 10.62 -0.08
N LYS A 21 28.54 10.93 -0.22
CA LYS A 21 29.34 11.34 0.92
C LYS A 21 28.86 12.71 1.41
N GLU A 22 27.99 13.31 0.62
CA GLU A 22 27.45 14.62 0.96
C GLU A 22 26.72 14.56 2.29
N ASP A 23 26.43 13.34 2.72
CA ASP A 23 25.73 13.13 3.98
C ASP A 23 26.31 11.90 4.68
N GLU A 24 26.03 10.74 4.12
CA GLU A 24 26.52 9.49 4.68
C GLU A 24 26.47 8.38 3.62
N LYS A 25 27.63 8.11 3.04
CA LYS A 25 27.74 7.09 2.03
C LYS A 25 28.28 5.80 2.66
N PHE A 26 28.97 5.98 3.77
CA PHE A 26 29.55 4.85 4.48
C PHE A 26 28.45 4.02 5.17
N LEU A 27 27.47 4.73 5.71
CA LEU A 27 26.38 4.07 6.39
C LEU A 27 25.42 3.46 5.36
N LYS A 28 24.83 2.34 5.73
CA LYS A 28 23.90 1.65 4.85
C LYS A 28 22.64 2.50 4.69
N GLY A 29 22.80 3.63 4.02
CA GLY A 29 21.69 4.53 3.79
C GLY A 29 20.53 4.23 4.75
N LYS A 30 20.51 4.96 5.86
CA LYS A 30 19.48 4.77 6.85
C LYS A 30 18.60 6.03 6.91
N PRO A 31 17.27 5.81 6.71
CA PRO A 31 16.33 6.92 6.73
C PRO A 31 16.07 7.38 8.17
N GLY A 32 16.09 6.43 9.08
CA GLY A 32 15.86 6.73 10.48
C GLY A 32 14.38 6.55 10.85
N LYS A 33 13.53 6.87 9.89
CA LYS A 33 12.10 6.75 10.10
C LYS A 33 11.58 5.50 9.39
N MET A 34 10.34 5.15 9.69
CA MET A 34 9.73 3.97 9.09
C MET A 34 8.99 4.35 7.80
N HIS A 35 8.58 3.32 7.07
CA HIS A 35 7.86 3.53 5.83
C HIS A 35 6.91 4.71 5.97
N GLU A 36 7.06 5.67 5.07
CA GLU A 36 6.22 6.85 5.09
C GLU A 36 5.19 6.79 3.96
N PHE A 37 4.08 7.48 4.16
CA PHE A 37 3.02 7.52 3.17
C PHE A 37 3.54 8.09 1.84
N VAL A 38 3.36 7.29 0.80
CA VAL A 38 3.80 7.70 -0.53
C VAL A 38 2.68 8.47 -1.22
N ASP A 39 1.46 7.95 -1.08
CA ASP A 39 0.30 8.57 -1.69
C ASP A 39 -0.97 7.87 -1.20
N GLU A 40 -2.09 8.54 -1.38
CA GLU A 40 -3.37 7.98 -0.97
C GLU A 40 -4.29 7.82 -2.17
N LEU A 41 -4.97 6.68 -2.21
CA LEU A 41 -5.88 6.38 -3.30
C LEU A 41 -7.22 5.93 -2.73
N ILE A 42 -8.28 6.29 -3.45
CA ILE A 42 -9.62 5.92 -3.02
C ILE A 42 -9.97 4.54 -3.57
N LEU A 43 -10.36 3.65 -2.66
CA LEU A 43 -10.71 2.30 -3.05
C LEU A 43 -12.24 2.15 -3.01
N PRO A 44 -12.77 1.26 -3.88
CA PRO A 44 -14.19 1.02 -3.95
C PRO A 44 -14.66 0.19 -2.76
N PHE A 45 -14.14 0.53 -1.59
CA PHE A 45 -14.49 -0.19 -0.37
C PHE A 45 -15.62 0.54 0.38
N ASN A 46 -16.64 -0.22 0.74
CA ASN A 46 -17.77 0.33 1.45
C ASN A 46 -17.92 -0.38 2.80
N VAL A 47 -18.65 0.26 3.70
CA VAL A 47 -18.88 -0.29 5.02
C VAL A 47 -19.76 -1.54 4.89
N ASP A 48 -20.55 -1.57 3.83
CA ASP A 48 -21.44 -2.69 3.59
C ASP A 48 -20.87 -3.55 2.47
N GLU A 49 -19.56 -3.75 2.52
CA GLU A 49 -18.88 -4.56 1.52
C GLU A 49 -17.65 -5.23 2.13
N LEU A 50 -17.74 -5.50 3.43
CA LEU A 50 -16.65 -6.14 4.13
C LEU A 50 -16.47 -7.57 3.61
N ASP A 51 -17.60 -8.25 3.44
CA ASP A 51 -17.58 -9.62 2.95
C ASP A 51 -17.01 -9.63 1.53
N GLU A 52 -17.54 -8.76 0.69
CA GLU A 52 -17.09 -8.66 -0.68
C GLU A 52 -15.66 -8.11 -0.74
N LEU A 53 -15.36 -7.21 0.19
CA LEU A 53 -14.05 -6.60 0.25
C LEU A 53 -13.03 -7.65 0.74
N ASN A 54 -13.47 -8.45 1.69
CA ASN A 54 -12.62 -9.49 2.25
C ASN A 54 -12.40 -10.58 1.19
N THR A 55 -13.43 -10.81 0.39
CA THR A 55 -13.36 -11.81 -0.66
C THR A 55 -12.47 -11.33 -1.80
N TRP A 56 -12.69 -10.08 -2.20
CA TRP A 56 -11.92 -9.49 -3.27
C TRP A 56 -10.48 -9.29 -2.77
N PHE A 57 -10.38 -8.70 -1.60
CA PHE A 57 -9.08 -8.44 -0.99
C PHE A 57 -8.30 -9.75 -0.80
N ASP A 58 -9.03 -10.78 -0.41
CA ASP A 58 -8.43 -12.09 -0.18
C ASP A 58 -7.82 -12.60 -1.49
N LYS A 59 -8.58 -12.43 -2.56
CA LYS A 59 -8.13 -12.86 -3.88
C LYS A 59 -6.99 -11.95 -4.35
N PHE A 60 -7.22 -10.65 -4.24
CA PHE A 60 -6.24 -9.67 -4.66
C PHE A 60 -4.97 -9.78 -3.80
N ASP A 61 -5.17 -10.19 -2.56
CA ASP A 61 -4.05 -10.34 -1.64
C ASP A 61 -3.04 -11.33 -2.23
N ALA A 62 -3.58 -12.38 -2.83
CA ALA A 62 -2.74 -13.40 -3.42
C ALA A 62 -2.20 -12.89 -4.77
N GLU A 63 -3.10 -12.27 -5.52
CA GLU A 63 -2.72 -11.73 -6.82
C GLU A 63 -1.63 -10.67 -6.66
N ILE A 64 -1.67 -9.98 -5.52
CA ILE A 64 -0.71 -8.94 -5.25
C ILE A 64 0.50 -9.55 -4.52
N CYS A 65 0.23 -10.62 -3.79
CA CYS A 65 1.27 -11.31 -3.05
C CYS A 65 2.08 -12.15 -4.04
N ILE A 66 1.41 -12.59 -5.09
CA ILE A 66 2.05 -13.40 -6.11
C ILE A 66 3.26 -12.64 -6.67
N PRO A 67 2.97 -11.39 -7.14
CA PRO A 67 4.02 -10.56 -7.71
C PRO A 67 4.93 -9.99 -6.61
N ASN A 68 4.64 -10.40 -5.38
CA ASN A 68 5.42 -9.95 -4.24
C ASN A 68 6.46 -10.99 -3.89
N GLU A 69 7.62 -10.51 -3.47
CA GLU A 69 8.72 -11.39 -3.10
C GLU A 69 9.23 -11.06 -1.69
N GLY A 70 8.32 -11.14 -0.73
CA GLY A 70 8.65 -10.84 0.64
C GLY A 70 7.40 -10.81 1.53
N HIS A 71 7.53 -10.12 2.65
CA HIS A 71 6.42 -10.00 3.58
C HIS A 71 5.68 -8.69 3.33
N ILE A 72 4.38 -8.72 3.59
CA ILE A 72 3.55 -7.53 3.40
C ILE A 72 2.53 -7.45 4.52
N LYS A 73 2.32 -6.24 5.01
CA LYS A 73 1.37 -6.01 6.09
C LYS A 73 0.38 -4.92 5.67
N TYR A 74 -0.86 -5.09 6.10
CA TYR A 74 -1.90 -4.14 5.78
C TYR A 74 -2.82 -3.90 6.97
N GLU A 75 -3.47 -2.75 6.97
CA GLU A 75 -4.38 -2.39 8.05
C GLU A 75 -5.70 -1.89 7.48
N ILE A 76 -6.77 -2.61 7.81
CA ILE A 76 -8.10 -2.25 7.35
C ILE A 76 -9.00 -1.98 8.55
N SER A 77 -9.36 -0.71 8.70
CA SER A 77 -10.21 -0.30 9.80
C SER A 77 -11.67 -0.17 9.32
N SER A 78 -12.54 -0.94 9.95
CA SER A 78 -13.95 -0.91 9.60
C SER A 78 -14.49 0.52 9.66
N ASP A 79 -13.76 1.35 10.39
CA ASP A 79 -14.13 2.75 10.55
C ASP A 79 -13.98 3.47 9.22
N GLY A 80 -13.24 2.84 8.32
CA GLY A 80 -13.01 3.41 7.00
C GLY A 80 -11.57 3.91 6.86
N LEU A 81 -10.65 3.08 7.34
CA LEU A 81 -9.23 3.42 7.27
C LEU A 81 -8.45 2.23 6.72
N ILE A 82 -7.80 2.46 5.59
CA ILE A 82 -7.01 1.42 4.96
C ILE A 82 -5.58 1.92 4.73
N VAL A 83 -4.62 1.13 5.19
CA VAL A 83 -3.22 1.49 5.05
C VAL A 83 -2.45 0.29 4.47
N LEU A 84 -1.48 0.60 3.64
CA LEU A 84 -0.66 -0.42 3.02
C LEU A 84 0.79 -0.25 3.47
N MET A 85 1.33 -1.31 4.04
CA MET A 85 2.71 -1.30 4.51
C MET A 85 3.57 -2.28 3.73
N LEU A 86 4.53 -1.74 3.00
CA LEU A 86 5.43 -2.55 2.20
C LEU A 86 6.88 -2.15 2.49
N ASP A 87 7.74 -3.15 2.50
CA ASP A 87 9.15 -2.91 2.76
C ASP A 87 9.84 -2.48 1.46
N LYS A 88 11.09 -2.04 1.61
CA LYS A 88 11.86 -1.59 0.47
C LYS A 88 12.27 -2.81 -0.37
N GLU A 89 12.38 -3.94 0.31
CA GLU A 89 12.77 -5.18 -0.34
C GLU A 89 11.61 -5.70 -1.21
N ILE A 90 10.44 -5.12 -0.99
CA ILE A 90 9.27 -5.51 -1.75
C ILE A 90 8.62 -4.27 -2.37
N GLU A 91 9.47 -3.32 -2.71
CA GLU A 91 8.99 -2.09 -3.31
C GLU A 91 8.10 -2.38 -4.52
N GLU A 92 8.31 -3.56 -5.09
CA GLU A 92 7.53 -3.99 -6.24
C GLU A 92 6.03 -3.92 -5.91
N VAL A 93 5.68 -4.48 -4.77
CA VAL A 93 4.30 -4.49 -4.34
C VAL A 93 3.78 -3.05 -4.22
N VAL A 94 4.70 -2.17 -3.83
CA VAL A 94 4.36 -0.76 -3.68
C VAL A 94 3.75 -0.24 -4.99
N GLU A 95 4.47 -0.51 -6.08
CA GLU A 95 4.01 -0.08 -7.39
C GLU A 95 2.82 -0.91 -7.85
N LYS A 96 2.86 -2.19 -7.47
CA LYS A 96 1.78 -3.11 -7.83
C LYS A 96 0.53 -2.73 -7.06
N VAL A 97 0.74 -2.16 -5.87
CA VAL A 97 -0.37 -1.77 -5.03
C VAL A 97 -1.00 -0.48 -5.59
N LYS A 98 -0.13 0.46 -5.93
CA LYS A 98 -0.58 1.73 -6.46
C LYS A 98 -1.41 1.48 -7.73
N LYS A 99 -0.87 0.62 -8.58
CA LYS A 99 -1.54 0.30 -9.83
C LYS A 99 -2.81 -0.51 -9.52
N PHE A 100 -2.69 -1.35 -8.50
CA PHE A 100 -3.81 -2.19 -8.09
C PHE A 100 -4.98 -1.34 -7.57
N VAL A 101 -4.64 -0.47 -6.63
CA VAL A 101 -5.66 0.41 -6.05
C VAL A 101 -6.29 1.25 -7.15
N GLU A 102 -5.42 1.89 -7.93
CA GLU A 102 -5.88 2.73 -9.02
C GLU A 102 -6.56 1.89 -10.10
N GLU A 103 -6.20 0.61 -10.11
CA GLU A 103 -6.76 -0.31 -11.09
C GLU A 103 -8.23 -0.61 -10.75
N ASN A 104 -8.49 -0.74 -9.46
CA ASN A 104 -9.84 -1.03 -9.00
C ASN A 104 -10.65 0.27 -8.97
N ASN A 105 -9.95 1.36 -8.66
CA ASN A 105 -10.59 2.66 -8.60
C ASN A 105 -11.60 2.79 -9.75
N MET A 1 -17.15 2.12 -6.12
CA MET A 1 -18.14 2.10 -5.05
C MET A 1 -18.24 3.46 -4.36
N SER A 2 -18.14 4.51 -5.17
CA SER A 2 -18.20 5.86 -4.65
C SER A 2 -19.49 6.05 -3.84
N LYS A 3 -20.61 5.91 -4.53
CA LYS A 3 -21.91 6.07 -3.90
C LYS A 3 -21.87 5.38 -2.52
N SER A 4 -22.79 5.80 -1.66
CA SER A 4 -22.88 5.24 -0.33
C SER A 4 -21.81 5.87 0.57
N ASN A 5 -20.56 5.52 0.29
CA ASN A 5 -19.45 6.04 1.06
C ASN A 5 -18.16 5.38 0.59
N THR A 6 -17.19 6.22 0.23
CA THR A 6 -15.91 5.72 -0.24
C THR A 6 -14.79 6.16 0.71
N TYR A 7 -13.69 5.44 0.64
CA TYR A 7 -12.54 5.73 1.49
C TYR A 7 -11.25 5.82 0.66
N ARG A 8 -10.15 6.00 1.37
CA ARG A 8 -8.86 6.09 0.71
C ARG A 8 -7.83 5.22 1.43
N MET A 9 -6.87 4.73 0.66
CA MET A 9 -5.83 3.88 1.21
C MET A 9 -4.45 4.54 1.06
N LEU A 10 -3.70 4.52 2.15
CA LEU A 10 -2.37 5.11 2.15
C LEU A 10 -1.32 4.00 2.15
N VAL A 11 -0.38 4.12 1.23
CA VAL A 11 0.69 3.13 1.11
C VAL A 11 1.97 3.70 1.70
N LEU A 12 2.56 2.92 2.61
CA LEU A 12 3.80 3.34 3.25
C LEU A 12 4.91 2.35 2.90
N LEU A 13 6.07 2.91 2.56
CA LEU A 13 7.21 2.09 2.20
C LEU A 13 8.45 2.60 2.94
N GLU A 14 9.28 1.66 3.38
CA GLU A 14 10.49 2.02 4.10
C GLU A 14 11.64 2.26 3.12
N ASP A 15 12.53 3.15 3.51
CA ASP A 15 13.67 3.48 2.68
C ASP A 15 14.95 2.93 3.31
N ASP A 16 15.80 2.36 2.48
CA ASP A 16 17.05 1.78 2.94
C ASP A 16 18.21 2.64 2.44
N THR A 17 19.31 2.60 3.19
CA THR A 17 20.49 3.36 2.84
C THR A 17 20.10 4.80 2.46
N LYS A 18 21.03 5.45 1.78
CA LYS A 18 20.80 6.83 1.35
C LYS A 18 20.07 6.83 0.01
N ILE A 19 19.29 7.87 -0.20
CA ILE A 19 18.54 7.99 -1.45
C ILE A 19 19.30 8.91 -2.41
N ASN A 20 19.36 8.49 -3.66
CA ASN A 20 20.06 9.25 -4.68
C ASN A 20 19.33 10.58 -4.90
N LYS A 21 19.54 11.15 -6.07
CA LYS A 21 18.91 12.41 -6.42
C LYS A 21 17.40 12.21 -6.58
N GLU A 22 17.01 10.94 -6.56
CA GLU A 22 15.61 10.59 -6.70
C GLU A 22 14.78 11.27 -5.60
N ASP A 23 15.47 11.66 -4.54
CA ASP A 23 14.81 12.32 -3.42
C ASP A 23 15.72 13.41 -2.86
N GLU A 24 16.84 12.97 -2.30
CA GLU A 24 17.80 13.89 -1.73
C GLU A 24 19.17 13.22 -1.58
N LYS A 25 20.04 13.51 -2.54
CA LYS A 25 21.37 12.94 -2.53
C LYS A 25 22.31 13.85 -1.73
N PHE A 26 22.13 15.15 -1.93
CA PHE A 26 22.94 16.13 -1.24
C PHE A 26 22.99 15.86 0.26
N LEU A 27 21.81 15.71 0.83
CA LEU A 27 21.68 15.44 2.25
C LEU A 27 22.44 14.14 2.59
N LYS A 28 22.91 14.07 3.82
CA LYS A 28 23.64 12.90 4.28
C LYS A 28 23.09 11.66 3.58
N GLY A 29 22.11 11.04 4.22
CA GLY A 29 21.49 9.85 3.68
C GLY A 29 20.24 9.46 4.47
N LYS A 30 19.34 10.43 4.60
CA LYS A 30 18.10 10.20 5.33
C LYS A 30 16.91 10.29 4.37
N PRO A 31 16.16 9.17 4.29
CA PRO A 31 15.00 9.11 3.41
C PRO A 31 13.82 9.91 4.00
N GLY A 32 13.84 10.04 5.32
CA GLY A 32 12.80 10.76 6.01
C GLY A 32 12.29 9.98 7.23
N LYS A 33 11.13 9.37 7.05
CA LYS A 33 10.52 8.58 8.11
C LYS A 33 10.34 7.13 7.64
N MET A 34 10.20 6.24 8.61
CA MET A 34 10.03 4.84 8.31
C MET A 34 8.54 4.48 8.20
N HIS A 35 8.20 3.79 7.12
CA HIS A 35 6.83 3.39 6.89
C HIS A 35 5.90 4.59 7.04
N GLU A 36 5.96 5.47 6.05
CA GLU A 36 5.13 6.66 6.07
C GLU A 36 4.29 6.74 4.80
N PHE A 37 3.16 7.42 4.92
CA PHE A 37 2.24 7.57 3.80
C PHE A 37 2.92 8.35 2.66
N VAL A 38 2.93 7.71 1.49
CA VAL A 38 3.53 8.33 0.31
C VAL A 38 2.44 8.95 -0.55
N ASP A 39 1.27 8.33 -0.51
CA ASP A 39 0.14 8.80 -1.29
C ASP A 39 -1.12 8.02 -0.89
N GLU A 40 -2.26 8.60 -1.24
CA GLU A 40 -3.54 7.96 -0.92
C GLU A 40 -4.36 7.79 -2.19
N LEU A 41 -5.08 6.67 -2.23
CA LEU A 41 -5.92 6.37 -3.38
C LEU A 41 -7.32 5.99 -2.90
N ILE A 42 -8.30 6.36 -3.70
CA ILE A 42 -9.69 6.06 -3.36
C ILE A 42 -10.06 4.69 -3.92
N LEU A 43 -10.44 3.80 -3.01
CA LEU A 43 -10.82 2.45 -3.39
C LEU A 43 -12.34 2.30 -3.25
N PRO A 44 -12.90 1.38 -4.08
CA PRO A 44 -14.33 1.13 -4.05
C PRO A 44 -14.72 0.30 -2.83
N PHE A 45 -14.14 0.68 -1.69
CA PHE A 45 -14.42 -0.02 -0.45
C PHE A 45 -15.53 0.69 0.33
N ASN A 46 -16.48 -0.12 0.80
CA ASN A 46 -17.60 0.41 1.56
C ASN A 46 -17.64 -0.26 2.93
N VAL A 47 -18.34 0.38 3.85
CA VAL A 47 -18.46 -0.13 5.21
C VAL A 47 -19.41 -1.34 5.20
N ASP A 48 -20.20 -1.43 4.14
CA ASP A 48 -21.15 -2.52 4.00
C ASP A 48 -20.67 -3.45 2.89
N GLU A 49 -19.36 -3.63 2.83
CA GLU A 49 -18.77 -4.50 1.82
C GLU A 49 -17.45 -5.09 2.34
N LEU A 50 -17.43 -5.36 3.64
CA LEU A 50 -16.24 -5.92 4.26
C LEU A 50 -16.06 -7.36 3.81
N ASP A 51 -17.17 -8.08 3.78
CA ASP A 51 -17.15 -9.47 3.38
C ASP A 51 -16.76 -9.55 1.89
N GLU A 52 -17.41 -8.73 1.09
CA GLU A 52 -17.14 -8.70 -0.33
C GLU A 52 -15.74 -8.16 -0.60
N LEU A 53 -15.33 -7.21 0.24
CA LEU A 53 -14.03 -6.59 0.11
C LEU A 53 -12.96 -7.59 0.57
N ASN A 54 -13.27 -8.31 1.64
CA ASN A 54 -12.36 -9.28 2.19
C ASN A 54 -12.17 -10.41 1.18
N THR A 55 -13.24 -10.72 0.47
CA THR A 55 -13.20 -11.78 -0.54
C THR A 55 -12.44 -11.30 -1.78
N TRP A 56 -12.73 -10.08 -2.18
CA TRP A 56 -12.08 -9.51 -3.35
C TRP A 56 -10.62 -9.27 -3.00
N PHE A 57 -10.39 -8.69 -1.82
CA PHE A 57 -9.04 -8.42 -1.36
C PHE A 57 -8.27 -9.71 -1.11
N ASP A 58 -9.00 -10.71 -0.63
CA ASP A 58 -8.40 -11.99 -0.33
C ASP A 58 -7.80 -12.58 -1.61
N LYS A 59 -8.58 -12.49 -2.68
CA LYS A 59 -8.14 -13.00 -3.97
C LYS A 59 -7.03 -12.11 -4.52
N PHE A 60 -7.30 -10.81 -4.53
CA PHE A 60 -6.35 -9.85 -5.03
C PHE A 60 -5.06 -9.85 -4.18
N ASP A 61 -5.25 -10.15 -2.91
CA ASP A 61 -4.13 -10.19 -1.98
C ASP A 61 -3.10 -11.20 -2.48
N ALA A 62 -3.61 -12.35 -2.91
CA ALA A 62 -2.75 -13.41 -3.42
C ALA A 62 -2.17 -12.99 -4.77
N GLU A 63 -3.03 -12.40 -5.59
CA GLU A 63 -2.62 -11.95 -6.91
C GLU A 63 -1.53 -10.87 -6.78
N ILE A 64 -1.57 -10.16 -5.66
CA ILE A 64 -0.60 -9.11 -5.41
C ILE A 64 0.61 -9.70 -4.68
N CYS A 65 0.34 -10.74 -3.90
CA CYS A 65 1.40 -11.40 -3.15
C CYS A 65 2.18 -12.31 -4.11
N ILE A 66 1.47 -12.78 -5.12
CA ILE A 66 2.08 -13.66 -6.12
C ILE A 66 3.30 -12.95 -6.73
N PRO A 67 3.04 -11.72 -7.24
CA PRO A 67 4.09 -10.94 -7.87
C PRO A 67 5.03 -10.34 -6.80
N ASN A 68 4.75 -10.68 -5.56
CA ASN A 68 5.55 -10.19 -4.45
C ASN A 68 6.60 -11.24 -4.08
N GLU A 69 7.77 -10.76 -3.68
CA GLU A 69 8.86 -11.64 -3.30
C GLU A 69 9.32 -11.32 -1.88
N GLY A 70 8.39 -11.44 -0.94
CA GLY A 70 8.69 -11.17 0.45
C GLY A 70 7.41 -11.15 1.29
N HIS A 71 7.51 -10.49 2.44
CA HIS A 71 6.38 -10.39 3.34
C HIS A 71 5.64 -9.07 3.11
N ILE A 72 4.33 -9.11 3.28
CA ILE A 72 3.51 -7.93 3.09
C ILE A 72 2.41 -7.90 4.15
N LYS A 73 2.14 -6.71 4.65
CA LYS A 73 1.12 -6.53 5.68
C LYS A 73 0.28 -5.30 5.35
N TYR A 74 -0.98 -5.34 5.78
CA TYR A 74 -1.88 -4.23 5.53
C TYR A 74 -2.75 -3.95 6.77
N GLU A 75 -3.33 -2.77 6.78
CA GLU A 75 -4.17 -2.36 7.89
C GLU A 75 -5.47 -1.73 7.37
N ILE A 76 -6.58 -2.42 7.65
CA ILE A 76 -7.88 -1.94 7.22
C ILE A 76 -8.78 -1.74 8.44
N SER A 77 -9.08 -0.48 8.71
CA SER A 77 -9.92 -0.14 9.85
C SER A 77 -11.37 0.05 9.39
N SER A 78 -12.24 -0.76 9.95
CA SER A 78 -13.65 -0.70 9.61
C SER A 78 -14.14 0.75 9.67
N ASP A 79 -13.46 1.53 10.51
CA ASP A 79 -13.82 2.93 10.67
C ASP A 79 -13.78 3.62 9.30
N GLY A 80 -13.04 3.02 8.39
CA GLY A 80 -12.92 3.57 7.05
C GLY A 80 -11.50 4.06 6.79
N LEU A 81 -10.54 3.28 7.25
CA LEU A 81 -9.14 3.62 7.08
C LEU A 81 -8.38 2.40 6.54
N ILE A 82 -7.73 2.60 5.41
CA ILE A 82 -6.96 1.53 4.79
C ILE A 82 -5.50 1.97 4.63
N VAL A 83 -4.61 1.13 5.12
CA VAL A 83 -3.19 1.41 5.05
C VAL A 83 -2.45 0.18 4.53
N LEU A 84 -1.41 0.44 3.74
CA LEU A 84 -0.61 -0.64 3.18
C LEU A 84 0.85 -0.45 3.60
N MET A 85 1.43 -1.54 4.09
CA MET A 85 2.82 -1.51 4.52
C MET A 85 3.65 -2.55 3.77
N LEU A 86 4.62 -2.07 3.01
CA LEU A 86 5.49 -2.95 2.25
C LEU A 86 6.95 -2.61 2.57
N ASP A 87 7.77 -3.65 2.54
CA ASP A 87 9.19 -3.49 2.82
C ASP A 87 9.91 -3.07 1.54
N LYS A 88 11.04 -2.40 1.74
CA LYS A 88 11.84 -1.93 0.60
C LYS A 88 12.25 -3.13 -0.25
N GLU A 89 12.39 -4.28 0.42
CA GLU A 89 12.78 -5.50 -0.27
C GLU A 89 11.66 -5.97 -1.19
N ILE A 90 10.49 -5.37 -1.00
CA ILE A 90 9.33 -5.72 -1.81
C ILE A 90 8.71 -4.45 -2.38
N GLU A 91 9.57 -3.49 -2.67
CA GLU A 91 9.12 -2.22 -3.23
C GLU A 91 8.26 -2.47 -4.47
N GLU A 92 8.47 -3.62 -5.07
CA GLU A 92 7.71 -3.98 -6.26
C GLU A 92 6.21 -3.94 -5.98
N VAL A 93 5.84 -4.55 -4.86
CA VAL A 93 4.44 -4.59 -4.46
C VAL A 93 3.93 -3.16 -4.26
N VAL A 94 4.83 -2.30 -3.80
CA VAL A 94 4.49 -0.91 -3.55
C VAL A 94 3.86 -0.31 -4.82
N GLU A 95 4.56 -0.51 -5.93
CA GLU A 95 4.09 0.00 -7.21
C GLU A 95 2.88 -0.82 -7.69
N LYS A 96 2.91 -2.10 -7.37
CA LYS A 96 1.83 -2.99 -7.75
C LYS A 96 0.57 -2.67 -6.93
N VAL A 97 0.81 -2.16 -5.73
CA VAL A 97 -0.28 -1.79 -4.85
C VAL A 97 -0.92 -0.48 -5.33
N LYS A 98 -0.05 0.46 -5.67
CA LYS A 98 -0.51 1.75 -6.15
C LYS A 98 -1.35 1.56 -7.41
N LYS A 99 -0.84 0.74 -8.31
CA LYS A 99 -1.52 0.46 -9.56
C LYS A 99 -2.77 -0.37 -9.27
N PHE A 100 -2.63 -1.27 -8.30
CA PHE A 100 -3.74 -2.13 -7.92
C PHE A 100 -4.93 -1.31 -7.42
N VAL A 101 -4.65 -0.46 -6.44
CA VAL A 101 -5.69 0.39 -5.88
C VAL A 101 -6.28 1.27 -6.97
N GLU A 102 -5.39 1.95 -7.68
CA GLU A 102 -5.79 2.84 -8.76
C GLU A 102 -6.41 2.03 -9.91
N GLU A 103 -6.07 0.75 -9.93
CA GLU A 103 -6.58 -0.14 -10.96
C GLU A 103 -8.07 -0.41 -10.74
N ASN A 104 -8.42 -0.59 -9.47
CA ASN A 104 -9.80 -0.87 -9.11
C ASN A 104 -10.53 0.46 -8.88
N ASN A 105 -9.75 1.50 -8.67
CA ASN A 105 -10.30 2.82 -8.44
C ASN A 105 -11.50 3.04 -9.37
#